data_7D20
#
_entry.id   7D20
#
_cell.length_a   1.00
_cell.length_b   1.00
_cell.length_c   1.00
_cell.angle_alpha   90.00
_cell.angle_beta   90.00
_cell.angle_gamma   90.00
#
_symmetry.space_group_name_H-M   'P 1'
#
loop_
_entity.id
_entity.type
_entity.pdbx_description
1 polymer 'Histone H3-like centromeric protein A'
2 polymer 'Histone H4'
3 polymer 'Histone H2A type 1-B/E'
4 polymer 'Histone H2B type 1-J'
5 polymer 'DNA (145-MER)'
6 polymer 'DNA (145-MER)'
7 polymer 'Isoform 2 of N-lysine methyltransferase KMT5A'
#
loop_
_entity_poly.entity_id
_entity_poly.type
_entity_poly.pdbx_seq_one_letter_code
_entity_poly.pdbx_strand_id
1 'polypeptide(L)'
;GSHMGPRRRSRKPEAPRRRSPSPTPTPGPSRRGPSLGASSHQHSRRRQGWLKEIRKLQKSTHLLIRKLPFSRLAREICVK
FTRGVDFNWQAQALLALQEAAEAFLVHLFEDAYLLTLHAGRVTLFPKDVQLARRIRGLEEGLG
;
A,E
2 'polypeptide(L)'
;GSHMSGRGKGGKGLGKGGAKRHRKVLRDNIQGITKPAIRRLARRGGVKRISGLIYEETRGVLKVFLENVIRDAVTYTEHA
KRKTVTAMDVVYALKRQGRTLYGFGG
;
B,F
3 'polypeptide(L)'
;GSHMSGRGKQGGKARAKAKTRSSRAGLQFPVGRVHRLLRKGNYSERVGAGAPVYLAAVLEYLTAEILELAGNAARDNKKT
RIIPRHLQLAIRNDEELNKLLGRVTIAQGGVLPNIQAVLLPKKTESHHKAKGK
;
C,G
4 'polypeptide(L)'
;GSHMPEPAKSAPAPKKGSKKAVTKAQKKDGKKRKRSRKESYSIYVYKVLKQVHPDTGISSKAMGIMNSFVNDIFERIAGE
ASRLAHYNKRSTITSREIQTAVRLLLPGELAKHAVSEGTKAVTKYTSAK
;
D,H
5 'polydeoxyribonucleotide'
;(DA)(DT)(DC)(DA)(DG)(DA)(DA)(DT)(DC)(DC)(DC)(DG)(DG)(DT)(DG)(DC)(DC)(DG)(DA)(DG)
(DG)(DC)(DC)(DG)(DC)(DT)(DC)(DA)(DA)(DT)(DT)(DG)(DG)(DT)(DC)(DG)(DT)(DA)(DG)(DA)
(DC)(DA)(DG)(DC)(DT)(DC)(DT)(DA)(DG)(DC)(DA)(DC)(DC)(DG)(DC)(DT)(DT)(DA)(DA)(DA)
(DC)(DG)(DC)(DA)(DC)(DG)(DT)(DA)(DC)(DG)(DC)(DG)(DC)(DT)(DG)(DT)(DC)(DC)(DC)(DC)
(DC)(DG)(DC)(DG)(DT)(DT)(DT)(DT)(DA)(DA)(DC)(DC)(DG)(DC)(DC)(DA)(DA)(DG)(DG)(DG)
(DG)(DA)(DT)(DT)(DA)(DC)(DT)(DC)(DC)(DC)(DT)(DA)(DG)(DT)(DC)(DT)(DC)(DC)(DA)(DG)
(DG)(DC)(DA)(DC)(DG)(DT)(DG)(DT)(DC)(DA)(DG)(DA)(DT)(DA)(DT)(DA)(DT)(DA)(DC)(DA)
(DT)(DC)(DG)(DA)(DT)
;
I
6 'polydeoxyribonucleotide'
;(DA)(DT)(DC)(DG)(DA)(DT)(DG)(DT)(DA)(DT)(DA)(DT)(DA)(DT)(DC)(DT)(DG)(DA)(DC)(DA)
(DC)(DG)(DT)(DG)(DC)(DC)(DT)(DG)(DG)(DA)(DG)(DA)(DC)(DT)(DA)(DG)(DG)(DG)(DA)(DG)
(DT)(DA)(DA)(DT)(DC)(DC)(DC)(DC)(DT)(DT)(DG)(DG)(DC)(DG)(DG)(DT)(DT)(DA)(DA)(DA)
(DA)(DC)(DG)(DC)(DG)(DG)(DG)(DG)(DG)(DA)(DC)(DA)(DG)(DC)(DG)(DC)(DG)(DT)(DA)(DC)
(DG)(DT)(DG)(DC)(DG)(DT)(DT)(DT)(DA)(DA)(DG)(DC)(DG)(DG)(DT)(DG)(DC)(DT)(DA)(DG)
(DA)(DG)(DC)(DT)(DG)(DT)(DC)(DT)(DA)(DC)(DG)(DA)(DC)(DC)(DA)(DA)(DT)(DT)(DG)(DA)
(DG)(DC)(DG)(DG)(DC)(DC)(DT)(DC)(DG)(DG)(DC)(DA)(DC)(DC)(DG)(DG)(DG)(DA)(DT)(DT)
(DC)(DT)(DG)(DA)(DT)
;
J
7 'polypeptide(L)'
;MARGRKMSKPRAVEAAAAAAAVAATAPGPEMVERRGPGRPRTDGENVFTGQSKIYSYMSPNKCSGMRFPLQEENSVTHHE
VKCQGKPLAGIYRKREEKRNAGNAVRSAMKSEEQKIKDARKGPLVPFPNQKSEAAEPPKTPPSSCDSTNAAIAKQALKKP
IKGKQAPRKKAQGKTQQNRKLTDFYPVRRSSRKSKAELQSEERKRIDELIESGKEEGMKIDLIDGKGRGVIATKQFSRGD
FVVEYHGDLIEITDAKKREALYAQDPSTGCYMYYFQYLSKTYCVDATRETNRLGRLINHSKCGNCQTKLHDIDGVPHLIL
IASRDIAAGEELLYDYGDRSKASIEAHPWLKH
;
K
#
loop_
_chem_comp.id
_chem_comp.type
_chem_comp.name
_chem_comp.formula
DA DNA linking 2'-DEOXYADENOSINE-5'-MONOPHOSPHATE 'C10 H14 N5 O6 P'
DC DNA linking 2'-DEOXYCYTIDINE-5'-MONOPHOSPHATE 'C9 H14 N3 O7 P'
DG DNA linking 2'-DEOXYGUANOSINE-5'-MONOPHOSPHATE 'C10 H14 N5 O7 P'
DT DNA linking THYMIDINE-5'-MONOPHOSPHATE 'C10 H15 N2 O8 P'
#
# COMPACT_ATOMS: atom_id res chain seq x y z
N GLY A 49 -23.12 6.11 -28.28
CA GLY A 49 -23.73 5.23 -27.31
C GLY A 49 -22.83 4.99 -26.11
N TRP A 50 -21.55 4.76 -26.39
CA TRP A 50 -20.55 4.71 -25.33
C TRP A 50 -20.21 6.09 -24.82
N LEU A 51 -20.33 7.11 -25.68
CA LEU A 51 -19.94 8.46 -25.29
C LEU A 51 -21.02 9.15 -24.47
N LYS A 52 -22.29 8.82 -24.70
CA LYS A 52 -23.34 9.29 -23.83
C LYS A 52 -23.31 8.61 -22.47
N GLU A 53 -22.44 7.62 -22.29
CA GLU A 53 -22.26 6.96 -21.01
C GLU A 53 -20.98 7.42 -20.31
N ILE A 54 -19.91 7.65 -21.06
CA ILE A 54 -18.70 8.20 -20.45
C ILE A 54 -18.98 9.60 -19.93
N ARG A 55 -19.64 10.43 -20.74
CA ARG A 55 -20.02 11.76 -20.29
C ARG A 55 -21.00 11.71 -19.13
N LYS A 56 -21.90 10.73 -19.11
CA LYS A 56 -22.88 10.61 -18.06
C LYS A 56 -22.27 10.16 -16.74
N LEU A 57 -21.20 9.36 -16.81
CA LEU A 57 -20.60 8.84 -15.59
C LEU A 57 -19.48 9.70 -15.05
N GLN A 58 -18.64 10.28 -15.90
CA GLN A 58 -17.61 11.18 -15.43
C GLN A 58 -18.19 12.45 -14.85
N LYS A 59 -19.45 12.73 -15.10
CA LYS A 59 -20.16 13.91 -14.61
C LYS A 59 -20.92 13.63 -13.32
N SER A 60 -21.26 12.38 -13.05
CA SER A 60 -21.89 12.02 -11.80
C SER A 60 -20.83 11.70 -10.76
N THR A 61 -21.27 11.34 -9.57
CA THR A 61 -20.32 10.99 -8.51
C THR A 61 -20.78 9.84 -7.63
N HIS A 62 -21.93 9.23 -7.90
CA HIS A 62 -22.43 8.16 -7.06
C HIS A 62 -21.56 6.92 -7.20
N LEU A 63 -21.92 5.88 -6.45
CA LEU A 63 -21.18 4.63 -6.49
C LEU A 63 -21.64 3.77 -7.66
N LEU A 64 -20.78 2.86 -8.07
CA LEU A 64 -20.97 2.10 -9.29
C LEU A 64 -21.20 0.62 -9.04
N ILE A 65 -20.40 -0.01 -8.19
CA ILE A 65 -20.71 -1.37 -7.77
C ILE A 65 -21.84 -1.32 -6.76
N ARG A 66 -22.74 -2.28 -6.82
CA ARG A 66 -23.86 -2.28 -5.91
C ARG A 66 -23.38 -2.46 -4.48
N LYS A 67 -24.22 -2.04 -3.53
CA LYS A 67 -23.77 -2.02 -2.14
C LYS A 67 -23.75 -3.40 -1.52
N LEU A 68 -24.73 -4.22 -1.83
CA LEU A 68 -24.83 -5.51 -1.17
C LEU A 68 -23.83 -6.52 -1.70
N PRO A 69 -23.61 -6.63 -3.02
CA PRO A 69 -22.57 -7.56 -3.46
C PRO A 69 -21.19 -7.16 -3.02
N PHE A 70 -20.89 -5.87 -2.97
CA PHE A 70 -19.61 -5.47 -2.44
C PHE A 70 -19.51 -5.72 -0.94
N SER A 71 -20.61 -5.55 -0.22
CA SER A 71 -20.55 -5.85 1.21
C SER A 71 -20.27 -7.33 1.44
N ARG A 72 -20.92 -8.20 0.65
CA ARG A 72 -20.65 -9.63 0.79
C ARG A 72 -19.22 -9.96 0.38
N LEU A 73 -18.68 -9.26 -0.62
CA LEU A 73 -17.29 -9.52 -0.98
C LEU A 73 -16.33 -9.10 0.13
N ALA A 74 -16.53 -7.91 0.68
CA ALA A 74 -15.65 -7.46 1.75
C ALA A 74 -15.77 -8.36 2.97
N ARG A 75 -16.96 -8.84 3.28
CA ARG A 75 -17.09 -9.74 4.42
C ARG A 75 -16.54 -11.13 4.12
N GLU A 76 -16.45 -11.52 2.86
CA GLU A 76 -15.85 -12.81 2.56
C GLU A 76 -14.33 -12.72 2.59
N ILE A 77 -13.79 -11.52 2.37
CA ILE A 77 -12.35 -11.37 2.49
C ILE A 77 -11.95 -11.11 3.94
N CYS A 78 -12.84 -10.52 4.73
CA CYS A 78 -12.54 -10.29 6.14
C CYS A 78 -12.68 -11.55 6.96
N VAL A 79 -13.24 -12.62 6.39
CA VAL A 79 -13.40 -13.84 7.16
C VAL A 79 -12.22 -14.77 6.98
N LYS A 80 -11.24 -14.39 6.16
CA LYS A 80 -10.04 -15.19 5.99
C LYS A 80 -8.80 -14.51 6.55
N PHE A 81 -8.93 -13.27 7.04
CA PHE A 81 -7.86 -12.61 7.77
C PHE A 81 -8.14 -12.61 9.26
N THR A 82 -9.20 -13.27 9.70
CA THR A 82 -9.45 -13.43 11.12
C THR A 82 -9.52 -14.91 11.44
N ARG A 83 -9.10 -15.75 10.51
CA ARG A 83 -9.16 -17.19 10.65
C ARG A 83 -10.57 -17.64 11.01
N GLY A 84 -11.51 -17.30 10.14
CA GLY A 84 -12.85 -17.85 10.21
C GLY A 84 -13.80 -17.24 11.22
N VAL A 85 -13.37 -16.25 11.98
CA VAL A 85 -14.29 -15.53 12.87
C VAL A 85 -14.67 -14.22 12.19
N ASP A 86 -15.95 -13.90 12.21
CA ASP A 86 -16.46 -12.78 11.45
C ASP A 86 -16.64 -11.54 12.33
N PHE A 87 -16.38 -10.38 11.74
CA PHE A 87 -16.44 -9.11 12.43
C PHE A 87 -17.64 -8.34 11.94
N ASN A 88 -18.32 -7.66 12.84
CA ASN A 88 -19.48 -6.88 12.43
C ASN A 88 -19.03 -5.61 11.71
N TRP A 89 -18.93 -5.66 10.39
CA TRP A 89 -18.51 -4.48 9.65
C TRP A 89 -19.46 -3.32 9.88
N GLN A 90 -18.94 -2.25 10.46
CA GLN A 90 -19.76 -1.07 10.68
C GLN A 90 -20.18 -0.48 9.34
N ALA A 91 -21.48 -0.30 9.16
CA ALA A 91 -22.04 0.02 7.86
C ALA A 91 -21.51 1.31 7.27
N GLN A 92 -20.79 2.11 8.02
CA GLN A 92 -20.10 3.26 7.45
C GLN A 92 -18.69 2.92 7.02
N ALA A 93 -18.20 1.73 7.37
CA ALA A 93 -16.89 1.30 6.92
C ALA A 93 -16.99 0.58 5.59
N LEU A 94 -18.10 -0.10 5.33
CA LEU A 94 -18.29 -0.66 4.00
C LEU A 94 -18.34 0.44 2.97
N LEU A 95 -18.90 1.61 3.31
CA LEU A 95 -18.91 2.72 2.37
C LEU A 95 -17.52 3.27 2.15
N ALA A 96 -16.71 3.37 3.20
CA ALA A 96 -15.36 3.90 3.01
C ALA A 96 -14.53 2.92 2.20
N LEU A 97 -14.65 1.64 2.49
CA LEU A 97 -13.94 0.63 1.72
C LEU A 97 -14.38 0.65 0.27
N GLN A 98 -15.68 0.82 0.03
CA GLN A 98 -16.16 0.83 -1.34
C GLN A 98 -15.75 2.09 -2.07
N GLU A 99 -15.78 3.25 -1.42
CA GLU A 99 -15.31 4.45 -2.09
C GLU A 99 -13.84 4.35 -2.43
N ALA A 100 -13.04 3.76 -1.56
CA ALA A 100 -11.64 3.58 -1.89
C ALA A 100 -11.47 2.61 -3.03
N ALA A 101 -12.23 1.52 -3.05
CA ALA A 101 -12.08 0.55 -4.13
C ALA A 101 -12.54 1.12 -5.46
N GLU A 102 -13.61 1.92 -5.46
CA GLU A 102 -14.03 2.52 -6.72
C GLU A 102 -13.03 3.56 -7.20
N ALA A 103 -12.56 4.44 -6.32
CA ALA A 103 -11.59 5.41 -6.77
C ALA A 103 -10.32 4.73 -7.26
N PHE A 104 -9.92 3.64 -6.61
CA PHE A 104 -8.74 2.91 -7.07
C PHE A 104 -8.98 2.29 -8.44
N LEU A 105 -10.11 1.59 -8.63
CA LEU A 105 -10.35 0.94 -9.91
C LEU A 105 -10.52 1.96 -11.02
N VAL A 106 -11.11 3.10 -10.72
CA VAL A 106 -11.28 4.12 -11.76
C VAL A 106 -9.95 4.72 -12.13
N HIS A 107 -9.08 4.98 -11.16
CA HIS A 107 -7.75 5.49 -11.52
C HIS A 107 -6.96 4.42 -12.26
N LEU A 108 -7.13 3.16 -11.88
CA LEU A 108 -6.45 2.08 -12.58
C LEU A 108 -6.90 1.99 -14.02
N PHE A 109 -8.17 2.25 -14.29
CA PHE A 109 -8.63 2.22 -15.68
C PHE A 109 -8.22 3.47 -16.43
N GLU A 110 -8.07 4.60 -15.74
CA GLU A 110 -7.51 5.78 -16.40
C GLU A 110 -6.10 5.51 -16.87
N ASP A 111 -5.27 4.90 -16.00
CA ASP A 111 -3.91 4.60 -16.41
C ASP A 111 -3.85 3.48 -17.46
N ALA A 112 -4.62 2.42 -17.26
CA ALA A 112 -4.68 1.39 -18.28
C ALA A 112 -5.06 1.97 -19.62
N TYR A 113 -6.06 2.85 -19.68
CA TYR A 113 -6.43 3.40 -20.96
C TYR A 113 -5.42 4.41 -21.48
N LEU A 114 -4.60 4.99 -20.62
CA LEU A 114 -3.44 5.69 -21.15
C LEU A 114 -2.53 4.72 -21.85
N LEU A 115 -2.52 3.46 -21.41
CA LEU A 115 -1.65 2.48 -22.05
C LEU A 115 -2.25 1.90 -23.32
N THR A 116 -3.58 1.84 -23.41
CA THR A 116 -4.17 1.22 -24.60
C THR A 116 -4.33 2.23 -25.71
N LEU A 117 -4.26 3.51 -25.41
CA LEU A 117 -4.10 4.50 -26.44
C LEU A 117 -2.65 4.64 -26.87
N HIS A 118 -1.74 4.07 -26.10
CA HIS A 118 -0.33 4.08 -26.45
C HIS A 118 -0.01 3.01 -27.49
N ALA A 119 -0.55 1.82 -27.31
CA ALA A 119 -0.30 0.73 -28.24
C ALA A 119 -1.10 0.86 -29.51
N GLY A 120 -1.67 2.03 -29.78
CA GLY A 120 -2.50 2.23 -30.94
C GLY A 120 -3.90 1.70 -30.81
N ARG A 121 -4.17 0.85 -29.84
CA ARG A 121 -5.48 0.26 -29.70
C ARG A 121 -6.50 1.30 -29.24
N VAL A 122 -7.75 0.86 -29.16
CA VAL A 122 -8.80 1.59 -28.49
C VAL A 122 -9.39 0.65 -27.45
N THR A 123 -9.32 -0.64 -27.72
CA THR A 123 -9.74 -1.66 -26.77
C THR A 123 -8.81 -1.68 -25.56
N LEU A 124 -9.36 -1.96 -24.39
CA LEU A 124 -8.59 -2.06 -23.16
C LEU A 124 -8.41 -3.53 -22.82
N PHE A 125 -7.25 -4.07 -23.17
CA PHE A 125 -6.97 -5.49 -22.96
C PHE A 125 -6.48 -5.73 -21.53
N PRO A 126 -6.39 -6.99 -21.11
CA PRO A 126 -5.82 -7.26 -19.79
C PRO A 126 -4.33 -7.07 -19.71
N LYS A 127 -3.62 -7.12 -20.84
CA LYS A 127 -2.19 -6.85 -20.81
C LYS A 127 -1.88 -5.40 -20.52
N ASP A 128 -2.91 -4.60 -20.30
CA ASP A 128 -2.76 -3.18 -20.00
C ASP A 128 -2.91 -2.91 -18.53
N VAL A 129 -4.07 -3.28 -17.96
CA VAL A 129 -4.28 -3.23 -16.53
C VAL A 129 -3.15 -3.94 -15.80
N GLN A 130 -2.56 -4.95 -16.41
CA GLN A 130 -1.44 -5.69 -15.84
C GLN A 130 -0.14 -4.93 -15.96
N LEU A 131 -0.06 -3.91 -16.80
CA LEU A 131 1.15 -3.14 -16.94
C LEU A 131 1.02 -1.75 -16.35
N ALA A 132 -0.18 -1.20 -16.26
CA ALA A 132 -0.37 0.00 -15.47
C ALA A 132 -0.25 -0.26 -14.00
N ARG A 133 -0.06 -1.51 -13.60
CA ARG A 133 0.27 -1.87 -12.24
C ARG A 133 1.72 -2.25 -12.05
N ARG A 134 2.29 -2.97 -13.00
CA ARG A 134 3.69 -3.33 -12.93
C ARG A 134 4.58 -2.11 -13.11
N ILE A 135 4.02 -1.02 -13.62
CA ILE A 135 4.74 0.25 -13.68
C ILE A 135 4.51 1.05 -12.42
N ARG A 136 3.27 1.05 -11.92
CA ARG A 136 2.90 1.99 -10.89
C ARG A 136 3.47 1.60 -9.54
N GLY A 137 3.76 0.32 -9.33
CA GLY A 137 4.34 -0.13 -8.08
C GLY A 137 4.35 -1.64 -7.93
N GLN B 48 24.57 -8.30 -31.42
CA GLN B 48 25.32 -7.94 -30.21
C GLN B 48 25.79 -6.51 -30.29
N GLY B 49 26.74 -6.16 -29.42
CA GLY B 49 27.22 -4.79 -29.34
C GLY B 49 26.45 -3.96 -28.35
N TRP B 50 25.13 -3.82 -28.56
CA TRP B 50 24.29 -3.30 -27.50
C TRP B 50 24.03 -4.38 -26.46
N LEU B 51 24.11 -5.65 -26.83
CA LEU B 51 23.82 -6.71 -25.90
C LEU B 51 24.98 -6.96 -24.94
N LYS B 52 26.21 -6.71 -25.39
CA LYS B 52 27.32 -6.79 -24.45
C LYS B 52 27.37 -5.59 -23.55
N GLU B 53 27.07 -4.40 -24.08
CA GLU B 53 26.97 -3.22 -23.23
C GLU B 53 25.87 -3.37 -22.19
N ILE B 54 24.75 -3.98 -22.55
CA ILE B 54 23.67 -4.16 -21.59
C ILE B 54 24.08 -5.17 -20.52
N ARG B 55 24.54 -6.35 -20.93
CA ARG B 55 24.93 -7.36 -19.97
C ARG B 55 26.07 -6.87 -19.08
N LYS B 56 26.93 -6.00 -19.60
CA LYS B 56 28.02 -5.46 -18.81
C LYS B 56 27.54 -4.42 -17.81
N LEU B 57 26.59 -3.58 -18.22
CA LEU B 57 26.14 -2.51 -17.34
C LEU B 57 25.13 -2.99 -16.32
N GLN B 58 24.26 -3.93 -16.68
CA GLN B 58 23.31 -4.44 -15.71
C GLN B 58 23.99 -5.24 -14.60
N LYS B 59 25.27 -5.55 -14.76
CA LYS B 59 26.01 -6.43 -13.89
C LYS B 59 27.03 -5.66 -13.05
N SER B 60 27.43 -4.48 -13.52
CA SER B 60 28.29 -3.63 -12.71
C SER B 60 27.46 -2.79 -11.76
N THR B 61 28.13 -1.97 -10.96
CA THR B 61 27.50 -1.12 -9.95
C THR B 61 28.13 0.26 -9.94
N HIS B 62 28.63 0.72 -11.08
CA HIS B 62 29.37 1.98 -11.12
C HIS B 62 28.41 3.15 -10.97
N LEU B 63 28.93 4.35 -11.11
CA LEU B 63 28.13 5.54 -11.31
C LEU B 63 28.30 5.96 -12.75
N LEU B 64 27.24 5.88 -13.52
CA LEU B 64 27.34 5.98 -14.97
C LEU B 64 27.50 7.40 -15.45
N ILE B 65 27.08 8.39 -14.67
CA ILE B 65 27.28 9.79 -15.00
C ILE B 65 28.60 10.20 -14.39
N ARG B 66 29.39 10.97 -15.13
CA ARG B 66 30.64 11.45 -14.59
C ARG B 66 30.38 12.23 -13.31
N LYS B 67 31.37 12.26 -12.42
CA LYS B 67 31.16 12.89 -11.13
C LYS B 67 31.21 14.40 -11.22
N LEU B 68 32.08 14.94 -12.06
CA LEU B 68 32.25 16.39 -12.10
C LEU B 68 31.15 17.11 -12.85
N PRO B 69 30.65 16.60 -13.98
CA PRO B 69 29.51 17.27 -14.62
C PRO B 69 28.27 17.24 -13.76
N PHE B 70 28.01 16.13 -13.08
CA PHE B 70 26.88 16.10 -12.17
C PHE B 70 27.12 17.00 -10.97
N SER B 71 28.36 17.10 -10.51
CA SER B 71 28.67 18.05 -9.46
C SER B 71 28.32 19.47 -9.87
N ARG B 72 28.75 19.87 -11.06
CA ARG B 72 28.45 21.22 -11.53
C ARG B 72 26.96 21.42 -11.74
N LEU B 73 26.25 20.38 -12.17
CA LEU B 73 24.82 20.53 -12.36
C LEU B 73 24.09 20.71 -11.04
N ALA B 74 24.41 19.88 -10.05
CA ALA B 74 23.77 20.02 -8.75
C ALA B 74 24.11 21.36 -8.12
N ARG B 75 25.33 21.85 -8.33
CA ARG B 75 25.67 23.16 -7.78
C ARG B 75 25.02 24.29 -8.56
N GLU B 76 24.62 24.04 -9.80
CA GLU B 76 23.89 25.07 -10.54
C GLU B 76 22.42 25.10 -10.13
N ILE B 77 21.89 23.96 -9.70
CA ILE B 77 20.50 23.94 -9.27
C ILE B 77 20.38 24.37 -7.81
N CYS B 78 21.44 24.19 -7.03
CA CYS B 78 21.45 24.60 -5.63
C CYS B 78 21.52 26.11 -5.51
N VAL B 79 21.73 26.80 -6.62
CA VAL B 79 21.85 28.26 -6.60
C VAL B 79 20.53 28.87 -7.03
N LYS B 80 19.84 28.21 -7.96
CA LYS B 80 18.52 28.66 -8.38
C LYS B 80 17.59 28.79 -7.17
N PHE B 81 17.66 27.83 -6.25
CA PHE B 81 17.11 28.05 -4.92
C PHE B 81 18.16 28.72 -4.06
N THR B 82 17.70 29.52 -3.11
CA THR B 82 18.59 30.37 -2.34
C THR B 82 19.42 31.24 -3.29
N ARG B 83 18.72 32.12 -3.97
CA ARG B 83 19.24 32.85 -5.11
C ARG B 83 20.62 33.43 -4.82
N GLY B 84 21.61 32.97 -5.58
CA GLY B 84 22.94 33.53 -5.54
C GLY B 84 23.66 33.43 -4.21
N VAL B 85 23.45 32.34 -3.48
CA VAL B 85 24.30 32.07 -2.33
C VAL B 85 24.82 30.64 -2.46
N ASP B 86 26.15 30.52 -2.57
CA ASP B 86 26.78 29.23 -2.81
C ASP B 86 26.87 28.41 -1.54
N PHE B 87 26.00 27.43 -1.37
CA PHE B 87 26.18 26.46 -0.31
C PHE B 87 27.31 25.52 -0.66
N ASN B 88 28.25 25.36 0.26
CA ASN B 88 29.23 24.30 0.16
C ASN B 88 28.48 22.98 0.03
N TRP B 89 29.08 21.99 -0.62
CA TRP B 89 28.45 20.69 -0.76
C TRP B 89 29.38 19.63 -0.18
N GLN B 90 28.90 18.93 0.82
CA GLN B 90 29.70 17.87 1.41
C GLN B 90 29.91 16.77 0.37
N ALA B 91 31.17 16.45 0.12
CA ALA B 91 31.53 15.61 -1.01
C ALA B 91 30.80 14.27 -1.01
N GLN B 92 30.17 13.89 0.10
CA GLN B 92 29.31 12.73 0.08
C GLN B 92 27.86 13.08 -0.18
N ALA B 93 27.50 14.35 -0.07
CA ALA B 93 26.16 14.74 -0.50
C ALA B 93 26.02 14.62 -1.99
N LEU B 94 27.07 14.97 -2.73
CA LEU B 94 27.04 14.79 -4.17
C LEU B 94 26.96 13.31 -4.53
N LEU B 95 27.59 12.44 -3.75
CA LEU B 95 27.47 11.00 -4.01
C LEU B 95 26.07 10.50 -3.71
N ALA B 96 25.47 10.93 -2.60
CA ALA B 96 24.11 10.50 -2.31
C ALA B 96 23.16 11.00 -3.37
N LEU B 97 23.34 12.25 -3.81
CA LEU B 97 22.48 12.81 -4.82
C LEU B 97 22.65 12.10 -6.15
N GLN B 98 23.87 11.71 -6.49
CA GLN B 98 24.09 11.04 -7.76
C GLN B 98 23.62 9.59 -7.71
N GLU B 99 23.84 8.91 -6.59
CA GLU B 99 23.26 7.57 -6.42
C GLU B 99 21.75 7.62 -6.58
N ALA B 100 21.10 8.62 -6.00
CA ALA B 100 19.66 8.72 -6.12
C ALA B 100 19.24 9.04 -7.54
N ALA B 101 19.89 10.01 -8.17
CA ALA B 101 19.48 10.39 -9.52
C ALA B 101 19.73 9.26 -10.51
N GLU B 102 20.77 8.47 -10.28
CA GLU B 102 21.02 7.38 -11.21
C GLU B 102 20.09 6.20 -10.97
N ALA B 103 19.82 5.85 -9.72
CA ALA B 103 18.82 4.82 -9.49
C ALA B 103 17.48 5.25 -10.03
N PHE B 104 17.16 6.54 -9.94
CA PHE B 104 15.91 7.04 -10.48
C PHE B 104 15.88 6.93 -11.99
N LEU B 105 16.92 7.40 -12.68
CA LEU B 105 16.90 7.38 -14.13
C LEU B 105 16.94 5.96 -14.66
N VAL B 106 17.68 5.07 -14.00
CA VAL B 106 17.72 3.70 -14.46
C VAL B 106 16.37 3.04 -14.26
N HIS B 107 15.70 3.30 -13.14
CA HIS B 107 14.36 2.74 -13.00
C HIS B 107 13.39 3.40 -13.96
N LEU B 108 13.60 4.66 -14.31
CA LEU B 108 12.71 5.33 -15.24
C LEU B 108 12.84 4.73 -16.63
N PHE B 109 14.05 4.39 -17.06
CA PHE B 109 14.19 3.73 -18.34
C PHE B 109 13.73 2.29 -18.27
N GLU B 110 13.89 1.65 -17.12
CA GLU B 110 13.40 0.28 -16.99
C GLU B 110 11.88 0.23 -16.97
N ASP B 111 11.23 1.32 -16.58
CA ASP B 111 9.77 1.40 -16.58
C ASP B 111 9.24 1.92 -17.90
N ALA B 112 9.99 2.78 -18.57
CA ALA B 112 9.61 3.27 -19.88
C ALA B 112 10.07 2.37 -20.99
N TYR B 113 10.75 1.27 -20.69
CA TYR B 113 10.96 0.27 -21.72
C TYR B 113 9.91 -0.82 -21.66
N LEU B 114 9.15 -0.89 -20.57
CA LEU B 114 7.98 -1.75 -20.62
C LEU B 114 6.86 -1.11 -21.40
N LEU B 115 6.93 0.18 -21.68
CA LEU B 115 5.92 0.89 -22.45
C LEU B 115 6.24 0.90 -23.92
N THR B 116 7.46 0.57 -24.29
CA THR B 116 7.86 0.56 -25.68
C THR B 116 8.27 -0.80 -26.18
N LEU B 117 8.22 -1.82 -25.34
CA LEU B 117 7.97 -3.17 -25.83
C LEU B 117 6.49 -3.43 -25.91
N HIS B 118 5.72 -2.74 -25.07
CA HIS B 118 4.28 -2.86 -25.08
C HIS B 118 3.67 -2.19 -26.30
N ALA B 119 4.26 -1.09 -26.73
CA ALA B 119 3.72 -0.35 -27.87
C ALA B 119 4.18 -0.92 -29.19
N GLY B 120 4.79 -2.10 -29.19
CA GLY B 120 5.29 -2.69 -30.40
C GLY B 120 6.70 -2.29 -30.78
N ARG B 121 7.17 -1.13 -30.35
CA ARG B 121 8.48 -0.67 -30.74
C ARG B 121 9.57 -1.54 -30.13
N VAL B 122 10.81 -1.17 -30.42
CA VAL B 122 11.98 -1.66 -29.70
C VAL B 122 12.76 -0.42 -29.27
N THR B 123 12.56 0.67 -29.99
CA THR B 123 13.24 1.93 -29.77
C THR B 123 12.53 2.77 -28.71
N LEU B 124 13.23 3.10 -27.64
CA LEU B 124 12.71 4.01 -26.64
C LEU B 124 12.46 5.38 -27.25
N PHE B 125 11.31 5.95 -26.94
CA PHE B 125 10.90 7.24 -27.49
C PHE B 125 10.65 8.19 -26.33
N PRO B 126 10.64 9.48 -26.57
CA PRO B 126 10.24 10.41 -25.50
C PRO B 126 8.81 10.20 -25.05
N LYS B 127 7.93 9.72 -25.95
CA LYS B 127 6.58 9.39 -25.55
C LYS B 127 6.56 8.38 -24.42
N ASP B 128 7.42 7.37 -24.50
CA ASP B 128 7.42 6.33 -23.50
C ASP B 128 7.85 6.86 -22.15
N VAL B 129 8.86 7.72 -22.11
CA VAL B 129 9.31 8.27 -20.84
C VAL B 129 8.24 9.18 -20.25
N GLN B 130 7.65 10.04 -21.08
CA GLN B 130 6.61 10.91 -20.57
C GLN B 130 5.43 10.12 -20.04
N LEU B 131 5.09 9.00 -20.68
CA LEU B 131 3.95 8.23 -20.20
C LEU B 131 4.32 7.42 -18.96
N ALA B 132 5.53 6.90 -18.89
CA ALA B 132 5.96 6.19 -17.68
C ALA B 132 6.02 7.12 -16.50
N ARG B 133 6.21 8.42 -16.73
CA ARG B 133 6.13 9.36 -15.63
C ARG B 133 4.71 9.78 -15.34
N ARG B 134 3.86 9.85 -16.37
CA ARG B 134 2.50 10.31 -16.17
C ARG B 134 1.63 9.22 -15.58
N ILE B 135 2.11 7.98 -15.58
CA ILE B 135 1.38 6.90 -14.91
C ILE B 135 1.76 6.81 -13.45
N ARG B 136 3.06 6.90 -13.15
CA ARG B 136 3.51 6.74 -11.77
C ARG B 136 2.86 7.76 -10.86
N GLY B 137 2.61 8.96 -11.37
CA GLY B 137 2.01 10.00 -10.57
C GLY B 137 2.92 11.19 -10.47
N LEU B 138 3.85 11.31 -11.41
CA LEU B 138 4.84 12.39 -11.37
C LEU B 138 4.45 13.49 -12.35
N ARG C 27 26.43 28.08 -17.07
CA ARG C 27 25.38 27.96 -18.09
C ARG C 27 25.65 26.76 -18.99
N ASP C 28 24.58 26.04 -19.33
CA ASP C 28 24.66 24.78 -20.07
C ASP C 28 25.57 23.79 -19.36
N ASN C 29 25.28 23.57 -18.08
CA ASN C 29 25.88 22.47 -17.33
C ASN C 29 25.04 21.21 -17.40
N ILE C 30 23.78 21.32 -17.85
CA ILE C 30 22.99 20.13 -18.10
C ILE C 30 23.49 19.40 -19.33
N GLN C 31 24.08 20.14 -20.29
CA GLN C 31 24.73 19.48 -21.42
C GLN C 31 25.96 18.72 -21.00
N GLY C 32 26.41 18.90 -19.76
CA GLY C 32 27.45 18.06 -19.22
C GLY C 32 27.00 16.66 -18.90
N ILE C 33 25.69 16.44 -18.83
CA ILE C 33 25.15 15.08 -18.76
C ILE C 33 25.15 14.58 -20.19
N THR C 34 26.27 13.99 -20.58
CA THR C 34 26.56 13.73 -21.98
C THR C 34 25.54 12.79 -22.59
N LYS C 35 25.62 12.65 -23.91
CA LYS C 35 24.78 11.66 -24.57
C LYS C 35 25.19 10.24 -24.22
N PRO C 36 26.47 9.86 -24.24
CA PRO C 36 26.79 8.49 -23.84
C PRO C 36 26.51 8.19 -22.40
N ALA C 37 26.42 9.19 -21.53
CA ALA C 37 26.06 8.92 -20.15
C ALA C 37 24.60 8.52 -20.04
N ILE C 38 23.72 9.23 -20.75
CA ILE C 38 22.32 8.84 -20.80
C ILE C 38 22.17 7.51 -21.49
N ARG C 39 23.01 7.24 -22.49
CA ARG C 39 22.90 5.95 -23.17
C ARG C 39 23.34 4.82 -22.25
N ARG C 40 24.37 5.03 -21.43
CA ARG C 40 24.78 3.99 -20.51
C ARG C 40 23.77 3.79 -19.40
N LEU C 41 23.13 4.86 -18.95
CA LEU C 41 22.03 4.72 -18.00
C LEU C 41 20.91 3.88 -18.60
N ALA C 42 20.49 4.22 -19.82
CA ALA C 42 19.46 3.42 -20.47
C ALA C 42 19.87 1.97 -20.58
N ARG C 43 21.03 1.70 -21.19
CA ARG C 43 21.52 0.34 -21.34
C ARG C 43 21.46 -0.41 -20.03
N ARG C 44 21.84 0.23 -18.92
CA ARG C 44 21.68 -0.41 -17.64
C ARG C 44 20.21 -0.69 -17.35
N GLY C 45 19.34 0.23 -17.74
CA GLY C 45 17.93 0.01 -17.49
C GLY C 45 17.31 -1.06 -18.35
N GLY C 46 18.02 -1.52 -19.37
CA GLY C 46 17.54 -2.59 -20.22
C GLY C 46 17.25 -2.17 -21.64
N VAL C 47 17.33 -0.89 -21.96
CA VAL C 47 16.90 -0.39 -23.25
C VAL C 47 17.83 -0.88 -24.33
N LYS C 48 17.26 -1.29 -25.46
CA LYS C 48 18.04 -1.82 -26.57
C LYS C 48 18.36 -0.76 -27.61
N ARG C 49 17.37 -0.04 -28.11
CA ARG C 49 17.62 1.10 -28.97
C ARG C 49 17.07 2.34 -28.30
N ILE C 50 17.49 3.51 -28.78
CA ILE C 50 17.26 4.76 -28.07
C ILE C 50 17.06 5.86 -29.10
N SER C 51 15.87 6.45 -29.12
CA SER C 51 15.63 7.54 -30.05
C SER C 51 16.44 8.76 -29.65
N GLY C 52 17.15 9.33 -30.62
CA GLY C 52 18.01 10.46 -30.36
C GLY C 52 17.33 11.64 -29.71
N LEU C 53 16.00 11.60 -29.60
CA LEU C 53 15.27 12.60 -28.86
C LEU C 53 15.11 12.25 -27.39
N ILE C 54 15.52 11.06 -26.98
CA ILE C 54 15.37 10.71 -25.58
C ILE C 54 16.42 11.43 -24.75
N TYR C 55 17.43 11.99 -25.39
CA TYR C 55 18.50 12.62 -24.62
C TYR C 55 18.03 13.93 -24.00
N GLU C 56 17.40 14.80 -24.78
CA GLU C 56 16.91 16.03 -24.21
C GLU C 56 15.79 15.76 -23.22
N GLU C 57 14.97 14.74 -23.49
CA GLU C 57 13.93 14.37 -22.54
C GLU C 57 14.53 13.90 -21.22
N THR C 58 15.61 13.13 -21.28
CA THR C 58 16.21 12.64 -20.05
C THR C 58 16.92 13.75 -19.29
N ARG C 59 17.52 14.70 -20.01
CA ARG C 59 18.11 15.83 -19.30
C ARG C 59 17.03 16.66 -18.62
N GLY C 60 15.87 16.83 -19.27
CA GLY C 60 14.77 17.52 -18.60
C GLY C 60 14.28 16.78 -17.37
N VAL C 61 14.12 15.46 -17.49
CA VAL C 61 13.65 14.66 -16.36
C VAL C 61 14.64 14.72 -15.21
N LEU C 62 15.92 14.59 -15.53
CA LEU C 62 16.94 14.65 -14.50
C LEU C 62 16.96 16.00 -13.83
N LYS C 63 16.82 17.07 -14.60
CA LYS C 63 16.82 18.40 -14.00
C LYS C 63 15.64 18.58 -13.08
N VAL C 64 14.48 18.01 -13.42
CA VAL C 64 13.33 18.13 -12.53
C VAL C 64 13.56 17.35 -11.25
N PHE C 65 14.05 16.12 -11.36
CA PHE C 65 14.35 15.33 -10.17
C PHE C 65 15.33 16.07 -9.27
N LEU C 66 16.40 16.59 -9.84
CA LEU C 66 17.37 17.30 -9.03
C LEU C 66 16.78 18.55 -8.44
N GLU C 67 15.92 19.26 -9.17
CA GLU C 67 15.33 20.45 -8.60
C GLU C 67 14.55 20.12 -7.35
N ASN C 68 13.76 19.04 -7.39
CA ASN C 68 13.02 18.66 -6.19
C ASN C 68 13.96 18.26 -5.05
N VAL C 69 14.87 17.33 -5.31
CA VAL C 69 15.69 16.80 -4.23
C VAL C 69 16.60 17.88 -3.66
N ILE C 70 17.08 18.79 -4.50
CA ILE C 70 17.97 19.83 -4.01
C ILE C 70 17.18 20.93 -3.33
N ARG C 71 15.93 21.16 -3.71
CA ARG C 71 15.14 22.11 -2.96
C ARG C 71 14.92 21.60 -1.55
N ASP C 72 14.63 20.32 -1.40
CA ASP C 72 14.43 19.81 -0.04
C ASP C 72 15.74 19.72 0.72
N ALA C 73 16.83 19.35 0.07
CA ALA C 73 18.12 19.32 0.76
C ALA C 73 18.51 20.70 1.23
N VAL C 74 18.35 21.71 0.38
CA VAL C 74 18.77 23.05 0.77
C VAL C 74 17.80 23.65 1.78
N THR C 75 16.54 23.20 1.80
CA THR C 75 15.66 23.64 2.87
C THR C 75 16.09 23.03 4.20
N TYR C 76 16.40 21.74 4.20
CA TYR C 76 16.88 21.10 5.42
C TYR C 76 18.14 21.77 5.92
N THR C 77 18.99 22.23 5.00
CA THR C 77 20.19 22.96 5.41
C THR C 77 19.83 24.33 5.98
N GLU C 78 19.20 25.17 5.18
CA GLU C 78 18.85 26.51 5.63
C GLU C 78 18.14 26.49 6.97
N HIS C 79 17.39 25.43 7.26
CA HIS C 79 16.78 25.34 8.58
C HIS C 79 17.80 24.96 9.63
N ALA C 80 18.79 24.18 9.26
CA ALA C 80 19.77 23.82 10.28
C ALA C 80 20.76 24.89 10.50
N LYS C 81 20.56 26.05 9.87
CA LYS C 81 21.45 27.19 10.00
C LYS C 81 22.87 26.88 9.57
N ARG C 82 23.02 26.04 8.55
CA ARG C 82 24.34 25.69 8.05
C ARG C 82 24.58 26.33 6.69
N LYS C 83 25.73 26.01 6.10
CA LYS C 83 26.06 26.43 4.75
C LYS C 83 26.70 25.34 3.92
N THR C 84 26.74 24.10 4.41
CA THR C 84 27.24 22.97 3.66
C THR C 84 26.18 21.89 3.63
N VAL C 85 25.66 21.59 2.43
CA VAL C 85 24.66 20.55 2.31
C VAL C 85 25.27 19.22 2.64
N THR C 86 24.95 18.68 3.81
CA THR C 86 25.56 17.45 4.29
C THR C 86 24.98 16.27 3.52
N ALA C 87 25.49 15.09 3.82
CA ALA C 87 24.92 13.88 3.23
C ALA C 87 23.56 13.58 3.85
N MET C 88 23.40 13.88 5.14
CA MET C 88 22.12 13.60 5.76
C MET C 88 21.04 14.55 5.28
N ASP C 89 21.39 15.77 4.89
CA ASP C 89 20.39 16.63 4.28
C ASP C 89 19.82 16.00 3.04
N VAL C 90 20.68 15.47 2.17
CA VAL C 90 20.18 14.89 0.93
C VAL C 90 19.46 13.58 1.20
N VAL C 91 19.94 12.81 2.18
CA VAL C 91 19.26 11.56 2.50
C VAL C 91 17.88 11.82 3.07
N TYR C 92 17.71 12.90 3.83
CA TYR C 92 16.39 13.24 4.33
C TYR C 92 15.52 13.85 3.25
N ALA C 93 16.12 14.55 2.30
CA ALA C 93 15.34 15.04 1.16
C ALA C 93 14.76 13.87 0.37
N LEU C 94 15.58 12.86 0.12
CA LEU C 94 15.09 11.69 -0.57
C LEU C 94 14.08 10.92 0.26
N LYS C 95 14.32 10.77 1.55
CA LYS C 95 13.34 10.10 2.40
C LYS C 95 12.03 10.86 2.43
N ARG C 96 12.07 12.17 2.33
CA ARG C 96 10.84 12.94 2.29
C ARG C 96 10.10 12.72 0.97
N GLN C 97 10.80 12.82 -0.17
CA GLN C 97 10.11 12.50 -1.42
C GLN C 97 9.64 11.05 -1.48
N GLY C 98 10.01 10.22 -0.51
CA GLY C 98 9.62 8.83 -0.53
C GLY C 98 10.55 7.93 -1.29
N ARG C 99 11.86 8.18 -1.23
CA ARG C 99 12.83 7.44 -2.02
C ARG C 99 13.98 7.00 -1.16
N THR C 100 13.67 6.47 0.03
CA THR C 100 14.66 6.21 1.07
C THR C 100 15.95 5.65 0.49
N LEU C 101 17.07 6.21 0.92
CA LEU C 101 18.37 5.88 0.35
C LEU C 101 19.25 5.27 1.42
N TYR C 102 19.62 4.00 1.25
CA TYR C 102 20.43 3.30 2.23
C TYR C 102 21.90 3.44 1.85
N GLY C 103 22.72 3.78 2.83
CA GLY C 103 24.15 3.72 2.61
C GLY C 103 24.92 4.94 3.04
N PHE C 104 24.23 6.01 3.42
CA PHE C 104 24.89 7.27 3.74
C PHE C 104 24.51 7.78 5.13
N GLY C 105 24.06 6.89 6.00
CA GLY C 105 23.59 7.28 7.31
C GLY C 105 22.09 7.23 7.39
N GLY C 106 21.60 7.41 8.61
CA GLY C 106 20.18 7.36 8.87
C GLY C 106 19.86 6.66 10.18
N ALA D 16 -7.79 39.49 34.37
CA ALA D 16 -8.50 40.58 33.72
C ALA D 16 -9.24 40.09 32.48
N LYS D 17 -9.78 41.03 31.69
CA LYS D 17 -10.49 40.66 30.47
C LYS D 17 -9.51 40.06 29.46
N ALA D 18 -9.95 38.97 28.83
CA ALA D 18 -9.10 38.19 27.94
C ALA D 18 -9.65 38.21 26.52
N LYS D 19 -8.77 38.04 25.55
CA LYS D 19 -9.16 37.86 24.16
C LYS D 19 -8.36 36.70 23.58
N THR D 20 -9.05 35.83 22.86
CA THR D 20 -8.44 34.60 22.37
C THR D 20 -7.21 34.89 21.52
N ARG D 21 -6.29 33.93 21.49
CA ARG D 21 -5.07 34.10 20.71
C ARG D 21 -5.38 34.16 19.22
N SER D 22 -6.44 33.46 18.79
CA SER D 22 -6.88 33.58 17.40
C SER D 22 -7.27 35.01 17.08
N SER D 23 -7.65 35.77 18.09
CA SER D 23 -7.97 37.17 17.85
C SER D 23 -6.73 38.04 17.91
N ARG D 24 -5.79 37.73 18.80
CA ARG D 24 -4.52 38.46 18.80
C ARG D 24 -3.81 38.32 17.48
N ALA D 25 -3.89 37.15 16.86
CA ALA D 25 -3.21 36.89 15.60
C ALA D 25 -4.06 37.25 14.39
N GLY D 26 -5.33 37.60 14.58
CA GLY D 26 -6.17 37.92 13.46
C GLY D 26 -6.55 36.75 12.60
N LEU D 27 -6.57 35.55 13.17
CA LEU D 27 -6.97 34.35 12.45
C LEU D 27 -8.40 33.98 12.79
N GLN D 28 -8.94 33.05 12.02
CA GLN D 28 -10.19 32.39 12.36
C GLN D 28 -9.98 31.00 12.90
N PHE D 29 -8.84 30.38 12.60
CA PHE D 29 -8.66 29.06 13.17
C PHE D 29 -8.24 29.16 14.64
N PRO D 30 -8.38 28.10 15.41
CA PRO D 30 -8.10 28.19 16.84
C PRO D 30 -6.63 28.02 17.12
N VAL D 31 -5.98 29.08 17.57
CA VAL D 31 -4.63 28.91 18.09
C VAL D 31 -4.64 28.01 19.30
N GLY D 32 -5.70 28.07 20.10
CA GLY D 32 -5.75 27.26 21.29
C GLY D 32 -5.83 25.77 20.99
N ARG D 33 -6.79 25.37 20.16
CA ARG D 33 -6.93 23.96 19.83
C ARG D 33 -5.71 23.44 19.09
N VAL D 34 -5.08 24.26 18.27
CA VAL D 34 -3.87 23.83 17.58
C VAL D 34 -2.73 23.64 18.57
N HIS D 35 -2.60 24.55 19.53
CA HIS D 35 -1.57 24.39 20.54
C HIS D 35 -1.80 23.12 21.34
N ARG D 36 -3.05 22.88 21.74
CA ARG D 36 -3.34 21.69 22.53
C ARG D 36 -3.07 20.43 21.72
N LEU D 37 -3.34 20.45 20.42
CA LEU D 37 -3.08 19.28 19.61
C LEU D 37 -1.59 19.06 19.42
N LEU D 38 -0.83 20.13 19.29
CA LEU D 38 0.63 19.98 19.23
C LEU D 38 1.17 19.40 20.52
N ARG D 39 0.59 19.80 21.66
CA ARG D 39 1.04 19.28 22.94
C ARG D 39 0.70 17.81 23.09
N LYS D 40 -0.60 17.49 23.12
CA LYS D 40 -1.02 16.13 23.42
C LYS D 40 -0.76 15.17 22.28
N GLY D 41 -0.20 15.61 21.16
CA GLY D 41 0.07 14.70 20.08
C GLY D 41 1.42 14.04 20.15
N ASN D 42 2.23 14.42 21.12
CA ASN D 42 3.59 13.88 21.27
C ASN D 42 4.41 14.11 20.01
N TYR D 43 4.43 15.35 19.55
CA TYR D 43 5.33 15.73 18.46
C TYR D 43 6.67 16.21 18.97
N SER D 44 6.69 16.88 20.12
CA SER D 44 7.96 17.28 20.71
C SER D 44 7.79 17.42 22.21
N GLU D 45 8.92 17.33 22.91
CA GLU D 45 8.91 17.53 24.35
C GLU D 45 8.42 18.92 24.73
N ARG D 46 8.49 19.88 23.82
CA ARG D 46 8.04 21.24 24.07
C ARG D 46 7.38 21.77 22.82
N VAL D 47 6.77 22.94 22.93
CA VAL D 47 6.13 23.60 21.79
C VAL D 47 6.32 25.10 21.98
N GLY D 48 6.94 25.75 21.00
CA GLY D 48 7.13 27.18 21.06
C GLY D 48 5.83 27.92 21.17
N ALA D 49 5.94 29.23 21.39
CA ALA D 49 4.74 30.06 21.49
C ALA D 49 4.24 30.45 20.12
N GLY D 50 5.14 30.63 19.17
CA GLY D 50 4.77 30.95 17.81
C GLY D 50 4.40 29.77 16.96
N ALA D 51 4.64 28.56 17.42
CA ALA D 51 4.30 27.38 16.62
C ALA D 51 2.81 27.22 16.41
N PRO D 52 1.95 27.28 17.43
CA PRO D 52 0.53 27.14 17.15
C PRO D 52 0.00 28.27 16.30
N VAL D 53 0.46 29.50 16.52
CA VAL D 53 -0.01 30.62 15.70
C VAL D 53 0.37 30.41 14.26
N TYR D 54 1.62 30.01 14.01
CA TYR D 54 2.05 29.80 12.64
C TYR D 54 1.26 28.68 11.98
N LEU D 55 1.12 27.56 12.69
CA LEU D 55 0.41 26.44 12.10
C LEU D 55 -1.05 26.78 11.84
N ALA D 56 -1.67 27.53 12.73
CA ALA D 56 -3.06 27.91 12.52
C ALA D 56 -3.19 28.87 11.36
N ALA D 57 -2.24 29.79 11.21
CA ALA D 57 -2.29 30.69 10.07
C ALA D 57 -2.14 29.94 8.76
N VAL D 58 -1.23 28.96 8.73
CA VAL D 58 -1.05 28.18 7.52
C VAL D 58 -2.29 27.36 7.22
N LEU D 59 -2.90 26.77 8.24
CA LEU D 59 -4.11 25.99 8.03
C LEU D 59 -5.24 26.86 7.51
N GLU D 60 -5.41 28.04 8.11
CA GLU D 60 -6.45 28.94 7.63
C GLU D 60 -6.18 29.38 6.21
N TYR D 61 -4.92 29.60 5.84
CA TYR D 61 -4.64 29.98 4.47
C TYR D 61 -4.99 28.86 3.51
N LEU D 62 -4.55 27.64 3.81
CA LEU D 62 -4.86 26.52 2.93
C LEU D 62 -6.36 26.34 2.79
N THR D 63 -7.10 26.43 3.90
CA THR D 63 -8.54 26.27 3.82
C THR D 63 -9.19 27.42 3.06
N ALA D 64 -8.66 28.63 3.19
CA ALA D 64 -9.20 29.73 2.40
C ALA D 64 -8.98 29.50 0.92
N GLU D 65 -7.81 28.99 0.56
CA GLU D 65 -7.54 28.63 -0.82
C GLU D 65 -8.55 27.59 -1.32
N ILE D 66 -8.69 26.50 -0.58
CA ILE D 66 -9.55 25.41 -1.02
C ILE D 66 -10.99 25.88 -1.14
N LEU D 67 -11.45 26.65 -0.16
CA LEU D 67 -12.85 27.08 -0.16
C LEU D 67 -13.09 28.15 -1.21
N GLU D 68 -12.08 28.95 -1.52
CA GLU D 68 -12.24 29.90 -2.61
C GLU D 68 -12.41 29.19 -3.94
N LEU D 69 -11.53 28.21 -4.21
CA LEU D 69 -11.64 27.49 -5.46
C LEU D 69 -12.91 26.65 -5.51
N ALA D 70 -13.35 26.12 -4.37
CA ALA D 70 -14.59 25.36 -4.36
C ALA D 70 -15.80 26.26 -4.57
N GLY D 71 -15.81 27.45 -3.99
CA GLY D 71 -16.88 28.38 -4.26
C GLY D 71 -16.92 28.79 -5.71
N ASN D 72 -15.74 28.97 -6.32
CA ASN D 72 -15.71 29.26 -7.75
C ASN D 72 -16.32 28.12 -8.55
N ALA D 73 -15.94 26.88 -8.24
CA ALA D 73 -16.48 25.75 -8.99
C ALA D 73 -17.95 25.54 -8.70
N ALA D 74 -18.45 26.09 -7.58
CA ALA D 74 -19.87 26.01 -7.29
C ALA D 74 -20.65 27.07 -8.05
N ARG D 75 -20.06 28.25 -8.20
CA ARG D 75 -20.72 29.30 -8.97
C ARG D 75 -20.69 28.98 -10.46
N ASP D 76 -19.66 28.26 -10.91
CA ASP D 76 -19.65 27.78 -12.30
C ASP D 76 -20.79 26.82 -12.58
N ASN D 77 -21.22 26.05 -11.58
CA ASN D 77 -22.38 25.18 -11.74
C ASN D 77 -23.67 25.85 -11.31
N LYS D 78 -23.63 27.13 -10.98
CA LYS D 78 -24.82 27.88 -10.56
C LYS D 78 -25.48 27.24 -9.34
N LYS D 79 -24.64 26.81 -8.40
CA LYS D 79 -25.10 26.29 -7.12
C LYS D 79 -24.55 27.17 -6.01
N THR D 80 -25.15 27.07 -4.83
CA THR D 80 -24.70 27.83 -3.68
C THR D 80 -24.17 26.98 -2.55
N ARG D 81 -24.16 25.66 -2.68
CA ARG D 81 -23.55 24.79 -1.70
C ARG D 81 -22.27 24.22 -2.27
N ILE D 82 -21.28 24.08 -1.41
CA ILE D 82 -20.06 23.37 -1.77
C ILE D 82 -20.22 21.90 -1.41
N ILE D 83 -20.09 21.03 -2.39
CA ILE D 83 -20.29 19.60 -2.20
C ILE D 83 -19.02 18.87 -2.60
N PRO D 84 -18.82 17.64 -2.12
CA PRO D 84 -17.56 16.94 -2.40
C PRO D 84 -17.09 17.03 -3.84
N ARG D 85 -18.01 16.94 -4.79
CA ARG D 85 -17.62 17.05 -6.20
C ARG D 85 -16.95 18.39 -6.47
N HIS D 86 -17.42 19.45 -5.82
CA HIS D 86 -16.84 20.76 -6.05
C HIS D 86 -15.45 20.85 -5.45
N LEU D 87 -15.22 20.17 -4.32
CA LEU D 87 -13.88 20.14 -3.76
C LEU D 87 -12.93 19.35 -4.64
N GLN D 88 -13.41 18.25 -5.22
CA GLN D 88 -12.55 17.49 -6.13
C GLN D 88 -12.23 18.30 -7.38
N LEU D 89 -13.19 19.08 -7.88
CA LEU D 89 -12.89 19.96 -9.01
C LEU D 89 -11.86 21.01 -8.62
N ALA D 90 -12.12 21.72 -7.53
CA ALA D 90 -11.22 22.78 -7.08
C ALA D 90 -9.82 22.26 -6.83
N ILE D 91 -9.71 21.02 -6.41
CA ILE D 91 -8.39 20.45 -6.11
C ILE D 91 -7.71 20.01 -7.40
N ARG D 92 -8.35 19.09 -8.13
CA ARG D 92 -7.69 18.53 -9.30
C ARG D 92 -7.43 19.57 -10.38
N ASN D 93 -8.16 20.67 -10.39
CA ASN D 93 -7.89 21.67 -11.41
C ASN D 93 -6.72 22.59 -11.04
N ASP D 94 -6.58 22.95 -9.78
CA ASP D 94 -5.41 23.71 -9.36
C ASP D 94 -4.20 22.80 -9.35
N GLU D 95 -3.06 23.32 -9.81
CA GLU D 95 -1.87 22.49 -9.90
C GLU D 95 -1.22 22.28 -8.55
N GLU D 96 -1.10 23.35 -7.75
CA GLU D 96 -0.44 23.24 -6.47
C GLU D 96 -1.17 22.28 -5.55
N LEU D 97 -2.48 22.48 -5.37
CA LEU D 97 -3.24 21.62 -4.48
C LEU D 97 -3.26 20.18 -4.96
N ASN D 98 -3.47 19.96 -6.25
CA ASN D 98 -3.43 18.60 -6.76
C ASN D 98 -2.09 17.95 -6.51
N LYS D 99 -1.01 18.72 -6.56
CA LYS D 99 0.29 18.17 -6.18
C LYS D 99 0.34 17.87 -4.69
N LEU D 100 -0.32 18.69 -3.88
CA LEU D 100 -0.34 18.47 -2.44
C LEU D 100 -1.25 17.31 -2.07
N LEU D 101 -2.53 17.43 -2.40
CA LEU D 101 -3.49 16.33 -2.20
C LEU D 101 -3.44 15.38 -3.38
N GLY D 102 -2.30 14.75 -3.57
CA GLY D 102 -2.10 13.88 -4.71
C GLY D 102 -2.49 12.45 -4.41
N ARG D 103 -2.16 11.97 -3.22
CA ARG D 103 -2.43 10.59 -2.83
C ARG D 103 -3.85 10.42 -2.33
N VAL D 104 -4.62 11.50 -2.27
CA VAL D 104 -5.86 11.59 -1.51
C VAL D 104 -7.04 11.34 -2.42
N THR D 105 -7.91 10.42 -2.02
CA THR D 105 -9.20 10.26 -2.67
C THR D 105 -10.25 10.94 -1.81
N ILE D 106 -11.16 11.66 -2.47
CA ILE D 106 -12.15 12.48 -1.80
C ILE D 106 -13.50 11.83 -2.03
N ALA D 107 -14.05 11.20 -1.00
CA ALA D 107 -15.23 10.37 -1.16
C ALA D 107 -16.38 11.18 -1.73
N GLN D 108 -17.12 10.56 -2.65
CA GLN D 108 -18.21 11.21 -3.37
C GLN D 108 -17.67 12.35 -4.23
N GLY D 109 -16.46 12.19 -4.73
CA GLY D 109 -15.81 13.26 -5.43
C GLY D 109 -15.76 13.12 -6.94
N GLY D 110 -16.16 11.97 -7.46
CA GLY D 110 -16.13 11.80 -8.90
C GLY D 110 -14.72 11.96 -9.47
N VAL D 111 -14.66 11.98 -10.79
CA VAL D 111 -13.40 12.21 -11.49
C VAL D 111 -13.56 13.39 -12.43
N LEU D 112 -12.44 14.04 -12.73
CA LEU D 112 -12.47 15.15 -13.67
C LEU D 112 -12.91 14.66 -15.05
N PRO D 113 -13.84 15.33 -15.68
CA PRO D 113 -14.20 14.96 -17.05
C PRO D 113 -13.02 15.18 -17.97
N ASN D 114 -12.44 14.09 -18.46
CA ASN D 114 -11.25 14.18 -19.31
C ASN D 114 -11.27 12.97 -20.23
N ILE D 115 -11.80 13.18 -21.44
CA ILE D 115 -11.82 12.15 -22.47
C ILE D 115 -10.72 12.48 -23.46
N GLN D 116 -9.81 11.53 -23.68
CA GLN D 116 -8.70 11.75 -24.58
C GLN D 116 -9.20 12.18 -25.96
N ALA D 117 -8.55 13.21 -26.51
CA ALA D 117 -9.01 13.78 -27.77
C ALA D 117 -8.87 12.80 -28.93
N VAL D 118 -8.12 11.71 -28.73
CA VAL D 118 -8.02 10.67 -29.74
C VAL D 118 -9.35 9.97 -29.99
N LEU D 119 -10.26 10.01 -29.01
CA LEU D 119 -11.46 9.19 -29.00
C LEU D 119 -12.67 9.85 -29.65
N LEU D 120 -12.69 11.18 -29.73
CA LEU D 120 -13.86 11.86 -30.28
C LEU D 120 -14.03 11.50 -31.75
N PRO D 121 -15.28 11.40 -32.21
CA PRO D 121 -15.50 11.06 -33.63
C PRO D 121 -14.98 12.16 -34.55
N LYS D 122 -14.27 11.74 -35.59
CA LYS D 122 -13.66 12.67 -36.53
C LYS D 122 -14.70 13.25 -37.49
N ARG E 37 -18.68 14.21 23.22
CA ARG E 37 -18.03 15.48 22.90
C ARG E 37 -16.86 15.21 21.98
N LYS E 38 -16.99 15.56 20.70
CA LYS E 38 -15.95 15.33 19.71
C LYS E 38 -15.59 16.66 19.06
N GLU E 39 -14.30 16.92 18.93
CA GLU E 39 -13.84 18.17 18.35
C GLU E 39 -13.66 18.04 16.84
N SER E 40 -13.74 19.17 16.15
CA SER E 40 -13.57 19.24 14.72
C SER E 40 -13.49 20.71 14.34
N TYR E 41 -13.03 20.97 13.11
CA TYR E 41 -12.80 22.33 12.64
C TYR E 41 -13.98 22.84 11.83
N SER E 42 -15.19 22.42 12.18
CA SER E 42 -16.36 22.79 11.40
C SER E 42 -16.63 24.29 11.48
N ILE E 43 -16.75 24.82 12.69
CA ILE E 43 -17.10 26.23 12.80
C ILE E 43 -16.02 27.10 12.16
N TYR E 44 -14.77 26.68 12.22
CA TYR E 44 -13.70 27.53 11.69
C TYR E 44 -13.65 27.45 10.18
N VAL E 45 -13.82 26.25 9.60
CA VAL E 45 -13.94 26.17 8.15
C VAL E 45 -15.11 27.00 7.68
N TYR E 46 -16.18 27.04 8.47
CA TYR E 46 -17.33 27.83 8.08
C TYR E 46 -17.04 29.33 8.15
N LYS E 47 -16.29 29.76 9.16
CA LYS E 47 -15.89 31.17 9.22
C LYS E 47 -15.04 31.55 8.02
N VAL E 48 -14.09 30.69 7.66
CA VAL E 48 -13.25 30.99 6.50
C VAL E 48 -14.08 30.99 5.22
N LEU E 49 -15.09 30.12 5.17
CA LEU E 49 -15.99 30.10 4.01
C LEU E 49 -16.78 31.41 3.91
N LYS E 50 -17.33 31.86 5.03
CA LYS E 50 -18.01 33.15 5.04
C LYS E 50 -17.06 34.30 4.79
N GLN E 51 -15.75 34.07 4.90
CA GLN E 51 -14.80 35.10 4.50
C GLN E 51 -14.60 35.12 3.00
N VAL E 52 -14.32 33.98 2.38
CA VAL E 52 -13.97 33.97 0.96
C VAL E 52 -15.21 34.03 0.08
N HIS E 53 -16.30 33.36 0.45
CA HIS E 53 -17.55 33.40 -0.31
C HIS E 53 -18.70 33.62 0.66
N PRO E 54 -19.09 34.87 0.88
CA PRO E 54 -20.13 35.13 1.89
C PRO E 54 -21.46 34.49 1.56
N ASP E 55 -21.86 34.48 0.29
CA ASP E 55 -23.13 33.90 -0.12
C ASP E 55 -22.89 32.50 -0.70
N THR E 56 -22.56 31.57 0.18
CA THR E 56 -22.28 30.19 -0.21
C THR E 56 -22.26 29.33 1.03
N GLY E 57 -22.95 28.19 0.97
CA GLY E 57 -22.94 27.23 2.05
C GLY E 57 -21.96 26.11 1.79
N ILE E 58 -22.00 25.10 2.66
CA ILE E 58 -21.14 23.94 2.49
C ILE E 58 -21.85 22.73 3.06
N SER E 59 -22.10 21.74 2.21
CA SER E 59 -22.85 20.58 2.63
C SER E 59 -22.09 19.80 3.69
N SER E 60 -22.85 19.06 4.50
CA SER E 60 -22.23 18.36 5.62
C SER E 60 -21.17 17.38 5.16
N LYS E 61 -21.33 16.81 3.97
CA LYS E 61 -20.29 15.92 3.46
C LYS E 61 -19.02 16.70 3.11
N ALA E 62 -19.17 17.83 2.43
CA ALA E 62 -17.99 18.66 2.18
C ALA E 62 -17.43 19.21 3.46
N MET E 63 -18.27 19.34 4.48
CA MET E 63 -17.79 19.77 5.77
C MET E 63 -16.89 18.71 6.38
N GLY E 64 -17.32 17.45 6.31
CA GLY E 64 -16.47 16.37 6.77
C GLY E 64 -15.19 16.27 5.98
N ILE E 65 -15.26 16.57 4.69
CA ILE E 65 -14.05 16.53 3.88
C ILE E 65 -13.09 17.64 4.27
N MET E 66 -13.60 18.83 4.58
CA MET E 66 -12.70 19.89 5.03
C MET E 66 -12.15 19.62 6.42
N ASN E 67 -12.95 19.02 7.30
CA ASN E 67 -12.41 18.60 8.60
C ASN E 67 -11.26 17.62 8.40
N SER E 68 -11.47 16.61 7.57
CA SER E 68 -10.41 15.62 7.38
C SER E 68 -9.21 16.24 6.70
N PHE E 69 -9.44 17.22 5.82
CA PHE E 69 -8.32 17.87 5.16
C PHE E 69 -7.51 18.68 6.14
N VAL E 70 -8.16 19.44 7.00
CA VAL E 70 -7.44 20.23 7.99
C VAL E 70 -6.69 19.32 8.94
N ASN E 71 -7.31 18.23 9.36
CA ASN E 71 -6.63 17.28 10.25
C ASN E 71 -5.42 16.67 9.56
N ASP E 72 -5.53 16.33 8.28
CA ASP E 72 -4.44 15.67 7.60
C ASP E 72 -3.30 16.63 7.32
N ILE E 73 -3.61 17.86 6.92
CA ILE E 73 -2.55 18.83 6.71
C ILE E 73 -1.89 19.19 8.03
N PHE E 74 -2.66 19.26 9.11
CA PHE E 74 -2.06 19.49 10.41
C PHE E 74 -1.12 18.35 10.77
N GLU E 75 -1.55 17.12 10.54
CA GLU E 75 -0.68 15.99 10.88
C GLU E 75 0.58 16.00 10.04
N ARG E 76 0.47 16.34 8.76
CA ARG E 76 1.66 16.44 7.92
C ARG E 76 2.62 17.51 8.44
N ILE E 77 2.12 18.72 8.65
CA ILE E 77 3.00 19.82 9.04
C ILE E 77 3.59 19.57 10.42
N ALA E 78 2.78 19.06 11.35
CA ALA E 78 3.29 18.87 12.70
C ALA E 78 4.22 17.67 12.76
N GLY E 79 3.96 16.62 11.98
CA GLY E 79 4.88 15.51 11.95
C GLY E 79 6.20 15.89 11.34
N GLU E 80 6.17 16.63 10.24
CA GLU E 80 7.42 17.10 9.64
C GLU E 80 8.15 18.06 10.56
N ALA E 81 7.42 18.86 11.34
CA ALA E 81 8.10 19.75 12.28
C ALA E 81 8.69 18.97 13.43
N SER E 82 8.02 17.93 13.90
CA SER E 82 8.61 17.07 14.92
C SER E 82 9.87 16.41 14.41
N ARG E 83 9.84 15.95 13.17
CA ARG E 83 11.01 15.33 12.57
C ARG E 83 12.13 16.33 12.38
N LEU E 84 11.81 17.56 12.01
CA LEU E 84 12.84 18.60 11.86
C LEU E 84 13.42 18.98 13.21
N ALA E 85 12.61 18.88 14.27
CA ALA E 85 13.14 19.13 15.60
C ALA E 85 14.08 18.03 16.03
N HIS E 86 13.68 16.78 15.85
CA HIS E 86 14.51 15.67 16.32
C HIS E 86 15.76 15.51 15.46
N TYR E 87 15.72 15.93 14.20
CA TYR E 87 16.90 15.81 13.36
C TYR E 87 18.00 16.75 13.83
N ASN E 88 17.63 17.87 14.43
CA ASN E 88 18.61 18.84 14.90
C ASN E 88 18.86 18.74 16.38
N LYS E 89 18.45 17.64 17.02
CA LYS E 89 18.71 17.40 18.42
C LYS E 89 18.19 18.52 19.30
N ARG E 90 17.12 19.17 18.87
CA ARG E 90 16.42 20.16 19.67
C ARG E 90 15.05 19.63 20.05
N SER E 91 14.42 20.30 21.02
CA SER E 91 13.21 19.78 21.62
C SER E 91 11.97 20.60 21.32
N THR E 92 12.10 21.87 20.94
CA THR E 92 10.96 22.77 20.83
C THR E 92 10.55 22.90 19.38
N ILE E 93 9.28 22.62 19.10
CA ILE E 93 8.69 23.06 17.84
C ILE E 93 8.44 24.56 17.91
N THR E 94 9.27 25.33 17.21
CA THR E 94 9.11 26.78 17.19
C THR E 94 8.51 27.17 15.87
N SER E 95 8.31 28.47 15.67
CA SER E 95 7.82 28.92 14.38
C SER E 95 8.84 28.62 13.29
N ARG E 96 10.11 28.53 13.64
CA ARG E 96 11.14 28.14 12.69
C ARG E 96 10.85 26.77 12.11
N GLU E 97 10.59 25.79 12.98
CA GLU E 97 10.33 24.43 12.53
C GLU E 97 9.06 24.36 11.71
N ILE E 98 8.04 25.12 12.07
CA ILE E 98 6.80 25.05 11.30
C ILE E 98 6.98 25.72 9.95
N GLN E 99 7.77 26.78 9.90
CA GLN E 99 8.01 27.43 8.62
C GLN E 99 8.77 26.50 7.69
N THR E 100 9.74 25.77 8.22
CA THR E 100 10.46 24.85 7.35
C THR E 100 9.61 23.63 7.00
N ALA E 101 8.74 23.18 7.90
CA ALA E 101 7.86 22.07 7.57
C ALA E 101 6.90 22.47 6.47
N VAL E 102 6.42 23.71 6.49
CA VAL E 102 5.58 24.21 5.41
C VAL E 102 6.39 24.28 4.12
N ARG E 103 7.56 24.91 4.15
CA ARG E 103 8.37 25.01 2.95
C ARG E 103 8.76 23.66 2.38
N LEU E 104 8.70 22.60 3.20
CA LEU E 104 8.96 21.26 2.68
C LEU E 104 7.72 20.64 2.07
N LEU E 105 6.58 20.70 2.78
CA LEU E 105 5.40 19.97 2.34
C LEU E 105 4.62 20.65 1.23
N LEU E 106 4.57 21.96 1.22
CA LEU E 106 3.70 22.60 0.26
C LEU E 106 4.45 22.92 -1.03
N PRO E 107 3.81 22.76 -2.18
CA PRO E 107 4.46 23.10 -3.44
C PRO E 107 4.70 24.59 -3.56
N GLY E 108 5.46 24.97 -4.59
CA GLY E 108 6.08 26.28 -4.68
C GLY E 108 5.28 27.49 -4.24
N GLU E 109 4.17 27.79 -4.91
CA GLU E 109 3.45 29.01 -4.59
C GLU E 109 2.62 28.85 -3.32
N LEU E 110 2.04 27.68 -3.11
CA LEU E 110 1.44 27.43 -1.81
C LEU E 110 2.45 27.66 -0.70
N ALA E 111 3.67 27.15 -0.86
CA ALA E 111 4.66 27.32 0.19
C ALA E 111 4.97 28.79 0.42
N LYS E 112 5.23 29.54 -0.65
CA LYS E 112 5.60 30.94 -0.46
C LYS E 112 4.47 31.73 0.17
N HIS E 113 3.22 31.50 -0.27
CA HIS E 113 2.13 32.30 0.27
C HIS E 113 1.76 31.86 1.68
N ALA E 114 1.79 30.56 1.97
CA ALA E 114 1.50 30.10 3.31
C ALA E 114 2.55 30.60 4.30
N VAL E 115 3.81 30.63 3.89
CA VAL E 115 4.86 31.16 4.74
C VAL E 115 4.67 32.65 4.96
N SER E 116 4.28 33.37 3.90
CA SER E 116 3.96 34.79 4.08
C SER E 116 2.85 34.98 5.10
N GLU E 117 1.77 34.20 4.99
CA GLU E 117 0.65 34.36 5.90
C GLU E 117 1.03 34.00 7.33
N GLY E 118 1.78 32.92 7.49
CA GLY E 118 2.21 32.55 8.83
C GLY E 118 3.10 33.59 9.46
N THR E 119 4.06 34.12 8.71
CA THR E 119 4.92 35.16 9.26
C THR E 119 4.11 36.41 9.61
N LYS E 120 3.17 36.78 8.75
CA LYS E 120 2.29 37.90 9.06
C LYS E 120 1.56 37.68 10.37
N ALA E 121 1.00 36.49 10.55
CA ALA E 121 0.24 36.23 11.76
C ALA E 121 1.12 36.19 12.99
N VAL E 122 2.34 35.67 12.87
CA VAL E 122 3.23 35.61 14.02
C VAL E 122 3.67 37.02 14.43
N THR E 123 4.01 37.87 13.45
CA THR E 123 4.39 39.23 13.82
C THR E 123 3.21 39.99 14.38
N LYS E 124 2.00 39.73 13.88
CA LYS E 124 0.83 40.38 14.45
C LYS E 124 0.54 39.88 15.85
N TYR E 125 0.88 38.63 16.14
CA TYR E 125 0.60 38.06 17.45
C TYR E 125 1.60 38.52 18.49
N THR E 126 2.87 38.64 18.12
CA THR E 126 3.87 39.13 19.08
C THR E 126 3.87 40.65 19.18
N SER E 127 3.41 41.36 18.14
CA SER E 127 3.30 42.81 18.24
C SER E 127 2.27 43.19 19.29
N ALA E 128 1.01 42.81 19.08
CA ALA E 128 -0.03 43.08 20.06
C ALA E 128 0.13 42.16 21.26
N LYS E 129 0.11 42.77 22.45
CA LYS E 129 0.29 42.01 23.68
C LYS E 129 -0.89 42.24 24.62
N LYS F 20 -39.84 -33.10 -6.49
CA LYS F 20 -39.29 -32.30 -7.57
C LYS F 20 -37.79 -32.09 -7.39
N ARG F 21 -37.00 -32.87 -8.13
CA ARG F 21 -35.55 -32.79 -8.03
C ARG F 21 -35.06 -31.41 -8.48
N HIS F 22 -34.16 -30.83 -7.69
CA HIS F 22 -33.49 -29.61 -8.06
C HIS F 22 -32.00 -29.88 -8.28
N ARG F 23 -31.42 -29.15 -9.23
CA ARG F 23 -30.00 -29.27 -9.52
C ARG F 23 -29.22 -28.52 -8.44
N LYS F 24 -27.90 -28.47 -8.59
CA LYS F 24 -27.03 -27.87 -7.59
C LYS F 24 -26.01 -26.98 -8.26
N VAL F 25 -25.92 -25.72 -7.83
CA VAL F 25 -25.01 -24.72 -8.37
C VAL F 25 -24.39 -23.99 -7.18
N LEU F 26 -23.56 -22.98 -7.45
CA LEU F 26 -22.95 -22.18 -6.40
C LEU F 26 -22.76 -20.74 -6.89
N ARG F 27 -22.26 -19.89 -6.01
CA ARG F 27 -21.90 -18.51 -6.33
C ARG F 27 -20.54 -18.24 -5.72
N ASP F 28 -19.96 -17.07 -6.03
CA ASP F 28 -18.57 -16.86 -5.66
C ASP F 28 -18.36 -15.60 -4.83
N ASN F 29 -19.34 -14.70 -4.84
CA ASN F 29 -19.32 -13.45 -4.08
C ASN F 29 -18.32 -12.48 -4.67
N ILE F 30 -17.51 -12.93 -5.63
CA ILE F 30 -16.71 -12.05 -6.45
C ILE F 30 -17.35 -11.84 -7.81
N GLN F 31 -18.08 -12.83 -8.31
CA GLN F 31 -18.94 -12.62 -9.46
C GLN F 31 -20.11 -11.70 -9.13
N GLY F 32 -20.25 -11.30 -7.88
CA GLY F 32 -21.17 -10.25 -7.55
C GLY F 32 -20.70 -8.88 -7.96
N ILE F 33 -19.40 -8.72 -8.21
CA ILE F 33 -18.89 -7.53 -8.85
C ILE F 33 -19.17 -7.73 -10.32
N THR F 34 -20.38 -7.36 -10.74
CA THR F 34 -20.92 -7.88 -11.98
C THR F 34 -20.18 -7.29 -13.18
N LYS F 35 -20.58 -7.73 -14.36
CA LYS F 35 -19.92 -7.25 -15.57
C LYS F 35 -20.31 -5.82 -15.91
N PRO F 36 -21.57 -5.41 -15.89
CA PRO F 36 -21.85 -3.99 -16.11
C PRO F 36 -21.29 -3.09 -15.04
N ALA F 37 -21.01 -3.60 -13.84
CA ALA F 37 -20.36 -2.74 -12.85
C ALA F 37 -18.94 -2.41 -13.27
N ILE F 38 -18.22 -3.40 -13.81
CA ILE F 38 -16.90 -3.11 -14.32
C ILE F 38 -16.99 -2.25 -15.56
N ARG F 39 -18.04 -2.41 -16.35
CA ARG F 39 -18.20 -1.51 -17.47
C ARG F 39 -18.38 -0.08 -17.01
N ARG F 40 -19.18 0.15 -15.96
CA ARG F 40 -19.40 1.52 -15.52
C ARG F 40 -18.16 2.09 -14.87
N LEU F 41 -17.41 1.27 -14.13
CA LEU F 41 -16.12 1.72 -13.62
C LEU F 41 -15.20 2.13 -14.75
N ALA F 42 -15.06 1.28 -15.76
CA ALA F 42 -14.22 1.62 -16.89
C ALA F 42 -14.68 2.92 -17.52
N ARG F 43 -15.94 2.98 -17.96
CA ARG F 43 -16.45 4.19 -18.59
C ARG F 43 -16.16 5.43 -17.76
N ARG F 44 -16.35 5.37 -16.45
CA ARG F 44 -15.99 6.54 -15.66
C ARG F 44 -14.51 6.84 -15.76
N GLY F 45 -13.68 5.80 -15.80
CA GLY F 45 -12.27 6.02 -16.03
C GLY F 45 -11.93 6.52 -17.42
N GLY F 46 -12.90 6.59 -18.31
CA GLY F 46 -12.67 7.09 -19.64
C GLY F 46 -12.53 6.04 -20.71
N VAL F 47 -12.69 4.77 -20.36
CA VAL F 47 -12.38 3.68 -21.29
C VAL F 47 -13.47 3.60 -22.35
N LYS F 48 -13.13 3.99 -23.57
CA LYS F 48 -14.09 4.01 -24.65
C LYS F 48 -14.59 2.62 -25.03
N ARG F 49 -13.73 1.63 -25.02
CA ARG F 49 -14.08 0.31 -25.51
C ARG F 49 -13.32 -0.75 -24.74
N ILE F 50 -14.05 -1.64 -24.10
CA ILE F 50 -13.49 -2.53 -23.08
C ILE F 50 -13.35 -3.91 -23.69
N SER F 51 -12.26 -4.60 -23.37
CA SER F 51 -12.12 -5.97 -23.84
C SER F 51 -13.11 -6.86 -23.11
N GLY F 52 -13.08 -8.15 -23.41
CA GLY F 52 -13.98 -9.09 -22.79
C GLY F 52 -13.30 -9.86 -21.69
N LEU F 53 -11.98 -9.84 -21.70
CA LEU F 53 -11.21 -10.49 -20.66
C LEU F 53 -10.79 -9.52 -19.57
N ILE F 54 -11.20 -8.27 -19.64
CA ILE F 54 -10.84 -7.32 -18.60
C ILE F 54 -11.69 -7.56 -17.36
N TYR F 55 -12.75 -8.35 -17.49
CA TYR F 55 -13.64 -8.53 -16.36
C TYR F 55 -13.03 -9.43 -15.30
N GLU F 56 -12.51 -10.58 -15.71
CA GLU F 56 -11.86 -11.44 -14.72
C GLU F 56 -10.59 -10.80 -14.18
N GLU F 57 -9.85 -10.10 -15.03
CA GLU F 57 -8.68 -9.39 -14.56
C GLU F 57 -9.05 -8.32 -13.55
N THR F 58 -10.16 -7.61 -13.79
CA THR F 58 -10.55 -6.55 -12.88
C THR F 58 -11.06 -7.11 -11.56
N ARG F 59 -11.78 -8.22 -11.61
CA ARG F 59 -12.19 -8.84 -10.36
C ARG F 59 -10.98 -9.34 -9.57
N GLY F 60 -9.95 -9.82 -10.27
CA GLY F 60 -8.74 -10.20 -9.57
C GLY F 60 -8.03 -9.02 -8.94
N VAL F 61 -7.93 -7.91 -9.68
CA VAL F 61 -7.31 -6.71 -9.13
C VAL F 61 -8.08 -6.21 -7.92
N LEU F 62 -9.41 -6.22 -8.01
CA LEU F 62 -10.23 -5.75 -6.91
C LEU F 62 -10.06 -6.65 -5.71
N LYS F 63 -10.01 -7.96 -5.91
CA LYS F 63 -9.82 -8.85 -4.78
C LYS F 63 -8.47 -8.63 -4.12
N VAL F 64 -7.44 -8.33 -4.91
CA VAL F 64 -6.12 -8.08 -4.32
C VAL F 64 -6.14 -6.81 -3.50
N PHE F 65 -6.68 -5.73 -4.06
CA PHE F 65 -6.76 -4.47 -3.32
C PHE F 65 -7.55 -4.65 -2.04
N LEU F 66 -8.70 -5.31 -2.11
CA LEU F 66 -9.49 -5.52 -0.92
C LEU F 66 -8.76 -6.38 0.08
N GLU F 67 -8.01 -7.38 -0.38
CA GLU F 67 -7.28 -8.21 0.55
C GLU F 67 -6.30 -7.38 1.35
N ASN F 68 -5.58 -6.48 0.68
CA ASN F 68 -4.65 -5.62 1.42
C ASN F 68 -5.37 -4.71 2.40
N VAL F 69 -6.35 -3.94 1.91
CA VAL F 69 -6.98 -2.94 2.76
C VAL F 69 -7.73 -3.60 3.90
N ILE F 70 -8.27 -4.80 3.68
CA ILE F 70 -9.03 -5.45 4.72
C ILE F 70 -8.12 -6.17 5.69
N ARG F 71 -6.96 -6.65 5.25
CA ARG F 71 -6.01 -7.17 6.21
C ARG F 71 -5.60 -6.08 7.18
N ASP F 72 -5.37 -4.87 6.68
CA ASP F 72 -4.96 -3.81 7.61
C ASP F 72 -6.12 -3.28 8.44
N ALA F 73 -7.32 -3.21 7.88
CA ALA F 73 -8.46 -2.82 8.70
C ALA F 73 -8.71 -3.83 9.82
N VAL F 74 -8.68 -5.11 9.49
CA VAL F 74 -8.89 -6.14 10.51
C VAL F 74 -7.76 -6.15 11.51
N THR F 75 -6.54 -5.81 11.12
CA THR F 75 -5.47 -5.71 12.11
C THR F 75 -5.71 -4.54 13.04
N TYR F 76 -6.08 -3.38 12.49
CA TYR F 76 -6.34 -2.23 13.34
C TYR F 76 -7.49 -2.50 14.29
N THR F 77 -8.42 -3.35 13.89
CA THR F 77 -9.50 -3.73 14.79
C THR F 77 -9.02 -4.71 15.85
N GLU F 78 -8.55 -5.88 15.42
CA GLU F 78 -8.07 -6.91 16.33
C GLU F 78 -7.10 -6.34 17.36
N HIS F 79 -6.38 -5.28 17.02
CA HIS F 79 -5.51 -4.67 18.00
C HIS F 79 -6.29 -3.90 19.04
N ALA F 80 -7.37 -3.24 18.63
CA ALA F 80 -8.17 -2.48 19.57
C ALA F 80 -9.12 -3.34 20.37
N LYS F 81 -8.97 -4.67 20.29
CA LYS F 81 -9.81 -5.62 21.00
C LYS F 81 -11.28 -5.39 20.71
N ARG F 82 -11.59 -5.08 19.45
CA ARG F 82 -12.96 -4.87 19.02
C ARG F 82 -13.42 -6.03 18.15
N LYS F 83 -14.67 -5.95 17.69
CA LYS F 83 -15.22 -6.87 16.72
C LYS F 83 -16.03 -6.19 15.66
N THR F 84 -16.12 -4.86 15.66
CA THR F 84 -16.76 -4.12 14.59
C THR F 84 -15.72 -3.30 13.87
N VAL F 85 -15.56 -3.56 12.58
CA VAL F 85 -14.52 -2.92 11.79
C VAL F 85 -15.01 -1.53 11.47
N THR F 86 -14.69 -0.57 12.35
CA THR F 86 -15.26 0.77 12.26
C THR F 86 -14.83 1.45 10.97
N ALA F 87 -15.35 2.66 10.76
CA ALA F 87 -14.93 3.40 9.59
C ALA F 87 -13.54 3.95 9.74
N MET F 88 -13.11 4.21 10.98
CA MET F 88 -11.76 4.68 11.18
C MET F 88 -10.74 3.58 10.96
N ASP F 89 -11.11 2.32 11.21
CA ASP F 89 -10.18 1.24 10.89
C ASP F 89 -9.91 1.20 9.39
N VAL F 90 -10.95 1.31 8.57
CA VAL F 90 -10.73 1.29 7.13
C VAL F 90 -10.01 2.55 6.68
N VAL F 91 -10.34 3.69 7.28
CA VAL F 91 -9.67 4.93 6.88
C VAL F 91 -8.19 4.88 7.22
N TYR F 92 -7.84 4.25 8.34
CA TYR F 92 -6.44 4.14 8.70
C TYR F 92 -5.75 3.06 7.88
N ALA F 93 -6.47 2.02 7.47
CA ALA F 93 -5.86 1.04 6.59
C ALA F 93 -5.51 1.67 5.26
N LEU F 94 -6.42 2.48 4.72
CA LEU F 94 -6.13 3.18 3.48
C LEU F 94 -5.03 4.21 3.68
N LYS F 95 -5.02 4.91 4.81
CA LYS F 95 -3.95 5.87 5.03
C LYS F 95 -2.60 5.19 5.14
N ARG F 96 -2.56 3.97 5.66
CA ARG F 96 -1.31 3.24 5.72
C ARG F 96 -0.87 2.83 4.32
N GLN F 97 -1.77 2.21 3.54
CA GLN F 97 -1.41 1.87 2.17
C GLN F 97 -1.04 3.10 1.35
N GLY F 98 -1.31 4.29 1.84
CA GLY F 98 -1.07 5.51 1.11
C GLY F 98 -2.21 5.94 0.23
N ARG F 99 -3.45 5.63 0.59
CA ARG F 99 -4.62 5.93 -0.22
C ARG F 99 -5.53 6.87 0.53
N THR F 100 -4.94 7.82 1.27
CA THR F 100 -5.65 8.64 2.25
C THR F 100 -7.04 9.01 1.78
N LEU F 101 -8.03 8.71 2.61
CA LEU F 101 -9.42 8.86 2.22
C LEU F 101 -10.05 9.96 3.06
N TYR F 102 -10.53 11.01 2.40
CA TYR F 102 -11.15 12.14 3.09
C TYR F 102 -12.64 11.94 3.17
N GLY F 103 -13.22 12.24 4.31
CA GLY F 103 -14.64 12.32 4.46
C GLY F 103 -15.29 11.34 5.39
N PHE F 104 -14.52 10.65 6.23
CA PHE F 104 -15.11 9.66 7.12
C PHE F 104 -14.59 9.81 8.55
N GLY F 105 -14.35 11.05 8.96
CA GLY F 105 -13.93 11.30 10.33
C GLY F 105 -12.45 11.17 10.58
N GLY F 106 -11.61 11.48 9.60
CA GLY F 106 -10.17 11.38 9.76
C GLY F 106 -9.58 12.25 10.84
N ALA G 14 23.66 -2.80 43.47
CA ALA G 14 23.72 -3.44 42.16
C ALA G 14 24.37 -4.81 42.26
N ARG G 15 24.01 -5.58 43.29
CA ARG G 15 24.53 -6.92 43.47
C ARG G 15 23.82 -7.86 42.51
N ALA G 16 24.09 -9.17 42.62
CA ALA G 16 23.51 -10.18 41.74
C ALA G 16 23.85 -9.86 40.28
N LYS G 17 25.16 -10.02 39.98
CA LYS G 17 25.81 -9.54 38.77
C LYS G 17 24.92 -9.55 37.54
N ALA G 18 24.85 -8.43 36.84
CA ALA G 18 23.82 -8.18 35.86
C ALA G 18 24.14 -8.81 34.51
N LYS G 19 23.12 -9.41 33.91
CA LYS G 19 23.19 -9.93 32.55
C LYS G 19 22.33 -9.05 31.67
N THR G 20 22.88 -8.64 30.53
CA THR G 20 22.19 -7.74 29.62
C THR G 20 20.81 -8.28 29.28
N ARG G 21 19.88 -7.37 29.00
CA ARG G 21 18.53 -7.78 28.66
C ARG G 21 18.50 -8.55 27.35
N SER G 22 19.42 -8.23 26.44
CA SER G 22 19.57 -9.03 25.24
C SER G 22 19.92 -10.47 25.58
N SER G 23 20.83 -10.65 26.54
CA SER G 23 21.18 -12.01 26.95
C SER G 23 20.02 -12.69 27.65
N ARG G 24 19.26 -11.93 28.46
CA ARG G 24 18.13 -12.53 29.14
C ARG G 24 17.06 -12.97 28.18
N ALA G 25 16.91 -12.26 27.06
CA ALA G 25 15.92 -12.60 26.06
C ALA G 25 16.45 -13.54 24.99
N GLY G 26 17.77 -13.70 24.89
CA GLY G 26 18.33 -14.59 23.89
C GLY G 26 18.54 -13.95 22.55
N LEU G 27 18.57 -12.62 22.48
CA LEU G 27 18.77 -11.92 21.24
C LEU G 27 20.23 -11.56 21.06
N GLN G 28 20.53 -11.02 19.89
CA GLN G 28 21.79 -10.36 19.63
C GLN G 28 21.64 -8.85 19.48
N PHE G 29 20.47 -8.38 19.16
CA PHE G 29 20.39 -6.94 19.10
C PHE G 29 20.26 -6.35 20.50
N PRO G 30 20.53 -5.06 20.66
CA PRO G 30 20.56 -4.52 22.02
C PRO G 30 19.18 -4.12 22.51
N VAL G 31 18.63 -4.89 23.44
CA VAL G 31 17.37 -4.47 24.05
C VAL G 31 17.56 -3.14 24.75
N GLY G 32 18.72 -2.91 25.34
CA GLY G 32 18.95 -1.65 26.02
C GLY G 32 18.94 -0.46 25.06
N ARG G 33 19.69 -0.56 23.96
CA ARG G 33 19.74 0.55 23.03
C ARG G 33 18.40 0.74 22.34
N VAL G 34 17.67 -0.34 22.06
CA VAL G 34 16.36 -0.17 21.45
C VAL G 34 15.41 0.49 22.43
N HIS G 35 15.51 0.18 23.71
CA HIS G 35 14.70 0.87 24.70
C HIS G 35 15.06 2.34 24.75
N ARG G 36 16.35 2.66 24.74
CA ARG G 36 16.74 4.05 24.83
C ARG G 36 16.28 4.82 23.61
N LEU G 37 16.30 4.20 22.44
CA LEU G 37 15.82 4.89 21.25
C LEU G 37 14.31 5.05 21.28
N LEU G 38 13.59 4.04 21.75
CA LEU G 38 12.15 4.18 21.91
C LEU G 38 11.80 5.27 22.90
N ARG G 39 12.65 5.52 23.90
CA ARG G 39 12.35 6.55 24.88
C ARG G 39 12.68 7.94 24.34
N LYS G 40 13.95 8.18 24.02
CA LYS G 40 14.31 9.52 23.57
C LYS G 40 14.04 9.68 22.08
N GLY G 41 12.86 9.26 21.65
CA GLY G 41 12.49 9.43 20.26
C GLY G 41 11.09 10.01 20.18
N ASN G 42 10.46 10.13 21.35
CA ASN G 42 9.13 10.69 21.47
C ASN G 42 8.14 9.94 20.59
N TYR G 43 8.11 8.62 20.78
CA TYR G 43 7.06 7.80 20.18
C TYR G 43 5.88 7.63 21.11
N SER G 44 6.11 7.68 22.43
CA SER G 44 5.04 7.70 23.40
C SER G 44 5.62 8.09 24.74
N GLU G 45 4.75 8.66 25.58
CA GLU G 45 5.17 9.07 26.91
C GLU G 45 5.81 7.90 27.66
N ARG G 46 5.09 6.79 27.73
CA ARG G 46 5.59 5.57 28.34
C ARG G 46 6.06 4.60 27.27
N VAL G 47 6.74 3.56 27.72
CA VAL G 47 7.20 2.48 26.86
C VAL G 47 7.17 1.19 27.66
N GLY G 48 6.47 0.19 27.17
CA GLY G 48 6.35 -1.06 27.89
C GLY G 48 7.68 -1.67 28.20
N ALA G 49 7.66 -2.71 29.02
CA ALA G 49 8.89 -3.41 29.32
C ALA G 49 9.19 -4.47 28.27
N GLY G 50 8.16 -5.02 27.65
CA GLY G 50 8.33 -5.98 26.57
C GLY G 50 8.44 -5.36 25.20
N ALA G 51 8.23 -4.06 25.08
CA ALA G 51 8.33 -3.41 23.78
C ALA G 51 9.75 -3.42 23.23
N PRO G 52 10.79 -3.05 23.99
CA PRO G 52 12.13 -3.14 23.42
C PRO G 52 12.49 -4.55 23.05
N VAL G 53 12.12 -5.53 23.88
CA VAL G 53 12.48 -6.92 23.60
C VAL G 53 11.79 -7.41 22.35
N TYR G 54 10.51 -7.10 22.19
CA TYR G 54 9.81 -7.48 20.98
C TYR G 54 10.43 -6.82 19.76
N LEU G 55 10.64 -5.51 19.83
CA LEU G 55 11.14 -4.81 18.66
C LEU G 55 12.56 -5.25 18.31
N ALA G 56 13.39 -5.54 19.31
CA ALA G 56 14.74 -5.99 19.02
C ALA G 56 14.73 -7.39 18.47
N ALA G 57 13.83 -8.24 18.94
CA ALA G 57 13.70 -9.57 18.35
C ALA G 57 13.28 -9.49 16.89
N VAL G 58 12.35 -8.58 16.59
CA VAL G 58 11.93 -8.42 15.20
C VAL G 58 13.08 -7.90 14.35
N LEU G 59 13.82 -6.92 14.85
CA LEU G 59 14.94 -6.37 14.09
C LEU G 59 15.98 -7.45 13.84
N GLU G 60 16.31 -8.23 14.86
CA GLU G 60 17.28 -9.31 14.67
C GLU G 60 16.76 -10.33 13.67
N TYR G 61 15.46 -10.64 13.71
CA TYR G 61 14.93 -11.60 12.77
C TYR G 61 15.06 -11.08 11.34
N LEU G 62 14.67 -9.82 11.12
CA LEU G 62 14.77 -9.27 9.77
C LEU G 62 16.21 -9.22 9.28
N THR G 63 17.14 -8.83 10.16
CA THR G 63 18.53 -8.76 9.74
C THR G 63 19.08 -10.15 9.47
N ALA G 64 18.65 -11.15 10.22
CA ALA G 64 19.07 -12.51 9.89
C ALA G 64 18.48 -12.95 8.56
N GLU G 65 17.22 -12.60 8.31
CA GLU G 65 16.60 -12.93 7.04
C GLU G 65 17.34 -12.31 5.87
N ILE G 66 17.86 -11.10 6.04
CA ILE G 66 18.52 -10.45 4.92
C ILE G 66 19.97 -10.91 4.81
N LEU G 67 20.66 -11.10 5.92
CA LEU G 67 22.05 -11.52 5.83
C LEU G 67 22.13 -12.97 5.37
N GLU G 68 21.12 -13.78 5.63
CA GLU G 68 21.12 -15.13 5.09
C GLU G 68 21.09 -15.11 3.57
N LEU G 69 20.13 -14.38 2.99
CA LEU G 69 20.04 -14.33 1.54
C LEU G 69 21.22 -13.60 0.93
N ALA G 70 21.76 -12.61 1.63
CA ALA G 70 22.93 -11.90 1.12
C ALA G 70 24.14 -12.80 1.08
N GLY G 71 24.34 -13.62 2.11
CA GLY G 71 25.43 -14.57 2.07
C GLY G 71 25.21 -15.64 1.02
N ASN G 72 23.96 -16.08 0.85
CA ASN G 72 23.67 -17.02 -0.23
C ASN G 72 24.07 -16.44 -1.57
N ALA G 73 23.74 -15.17 -1.81
CA ALA G 73 24.11 -14.56 -3.08
C ALA G 73 25.63 -14.39 -3.18
N ALA G 74 26.29 -14.02 -2.09
CA ALA G 74 27.73 -13.84 -2.12
C ALA G 74 28.47 -15.14 -2.38
N ARG G 75 27.91 -16.27 -1.94
CA ARG G 75 28.57 -17.54 -2.22
C ARG G 75 28.13 -18.11 -3.57
N ASP G 76 26.97 -17.71 -4.08
CA ASP G 76 26.65 -18.02 -5.47
C ASP G 76 27.62 -17.31 -6.41
N ASN G 77 27.97 -16.07 -6.09
CA ASN G 77 29.03 -15.40 -6.84
C ASN G 77 30.42 -15.85 -6.41
N LYS G 78 30.51 -16.85 -5.53
CA LYS G 78 31.77 -17.41 -5.06
C LYS G 78 32.65 -16.34 -4.43
N LYS G 79 32.04 -15.52 -3.59
CA LYS G 79 32.73 -14.52 -2.80
C LYS G 79 32.40 -14.74 -1.34
N THR G 80 33.21 -14.16 -0.46
CA THR G 80 32.98 -14.27 0.97
C THR G 80 32.75 -12.94 1.67
N ARG G 81 32.59 -11.86 0.94
CA ARG G 81 32.23 -10.57 1.52
C ARG G 81 30.90 -10.13 0.97
N ILE G 82 29.92 -9.97 1.85
CA ILE G 82 28.64 -9.39 1.46
C ILE G 82 28.83 -7.92 1.10
N ILE G 83 28.39 -7.54 -0.08
CA ILE G 83 28.58 -6.17 -0.56
C ILE G 83 27.22 -5.61 -0.96
N PRO G 84 27.12 -4.29 -1.15
CA PRO G 84 25.84 -3.72 -1.54
C PRO G 84 25.19 -4.40 -2.71
N ARG G 85 25.97 -4.85 -3.68
CA ARG G 85 25.38 -5.57 -4.81
C ARG G 85 24.71 -6.84 -4.35
N HIS G 86 25.33 -7.55 -3.40
CA HIS G 86 24.74 -8.78 -2.91
C HIS G 86 23.49 -8.50 -2.08
N LEU G 87 23.46 -7.37 -1.37
CA LEU G 87 22.26 -7.03 -0.62
C LEU G 87 21.12 -6.69 -1.57
N GLN G 88 21.41 -5.95 -2.64
CA GLN G 88 20.38 -5.67 -3.63
C GLN G 88 19.88 -6.95 -4.29
N LEU G 89 20.80 -7.87 -4.58
CA LEU G 89 20.39 -9.16 -5.13
C LEU G 89 19.46 -9.88 -4.18
N ALA G 90 19.88 -10.06 -2.94
CA ALA G 90 19.07 -10.79 -1.97
C ALA G 90 17.69 -10.15 -1.82
N ILE G 91 17.66 -8.84 -1.61
CA ILE G 91 16.39 -8.16 -1.37
C ILE G 91 15.49 -8.26 -2.59
N ARG G 92 15.95 -7.77 -3.75
CA ARG G 92 15.06 -7.72 -4.90
C ARG G 92 14.66 -9.11 -5.39
N ASN G 93 15.53 -10.10 -5.25
CA ASN G 93 15.16 -11.45 -5.65
C ASN G 93 14.19 -12.07 -4.67
N ASP G 94 14.23 -11.70 -3.40
CA ASP G 94 13.24 -12.19 -2.46
C ASP G 94 11.90 -11.55 -2.74
N GLU G 95 10.83 -12.28 -2.45
CA GLU G 95 9.50 -11.84 -2.86
C GLU G 95 8.90 -10.85 -1.88
N GLU G 96 9.24 -10.99 -0.61
CA GLU G 96 8.62 -10.19 0.44
C GLU G 96 9.54 -9.09 0.94
N LEU G 97 10.84 -9.36 1.06
CA LEU G 97 11.77 -8.29 1.36
C LEU G 97 11.72 -7.22 0.29
N ASN G 98 11.49 -7.61 -0.97
CA ASN G 98 11.36 -6.62 -2.02
C ASN G 98 10.13 -5.76 -1.85
N LYS G 99 9.08 -6.28 -1.21
CA LYS G 99 7.89 -5.49 -0.96
C LYS G 99 8.04 -4.62 0.27
N LEU G 100 8.78 -5.11 1.27
CA LEU G 100 9.07 -4.32 2.45
C LEU G 100 10.04 -3.19 2.15
N LEU G 101 10.92 -3.40 1.18
CA LEU G 101 11.94 -2.43 0.81
C LEU G 101 11.73 -2.02 -0.64
N GLY G 102 10.50 -1.69 -0.99
CA GLY G 102 10.21 -1.35 -2.37
C GLY G 102 10.61 0.04 -2.75
N ARG G 103 10.44 1.00 -1.85
CA ARG G 103 10.70 2.40 -2.16
C ARG G 103 12.15 2.77 -1.91
N VAL G 104 12.99 1.77 -1.69
CA VAL G 104 14.29 1.95 -1.06
C VAL G 104 15.40 1.74 -2.08
N THR G 105 16.21 2.77 -2.28
CA THR G 105 17.38 2.68 -3.14
C THR G 105 18.58 2.29 -2.31
N ILE G 106 19.31 1.29 -2.78
CA ILE G 106 20.47 0.76 -2.07
C ILE G 106 21.71 1.20 -2.82
N ALA G 107 22.47 2.11 -2.20
CA ALA G 107 23.55 2.78 -2.92
C ALA G 107 24.60 1.80 -3.38
N GLN G 108 24.96 1.88 -4.65
CA GLN G 108 25.88 0.96 -5.30
C GLN G 108 25.34 -0.47 -5.26
N GLY G 109 24.06 -0.58 -5.54
CA GLY G 109 23.41 -1.87 -5.50
C GLY G 109 23.14 -2.43 -6.88
N GLY G 110 23.39 -1.64 -7.91
CA GLY G 110 23.14 -2.11 -9.25
C GLY G 110 21.67 -2.46 -9.46
N VAL G 111 21.38 -3.02 -10.62
CA VAL G 111 20.02 -3.46 -10.90
C VAL G 111 20.01 -4.94 -11.21
N LEU G 112 18.84 -5.55 -11.15
CA LEU G 112 18.78 -6.98 -11.40
C LEU G 112 18.97 -7.27 -12.88
N PRO G 113 19.80 -8.24 -13.22
CA PRO G 113 19.96 -8.59 -14.63
C PRO G 113 18.65 -9.10 -15.21
N ASN G 114 18.03 -8.30 -16.06
CA ASN G 114 16.79 -8.68 -16.72
C ASN G 114 16.73 -7.95 -18.05
N ILE G 115 17.06 -8.64 -19.13
CA ILE G 115 16.80 -8.17 -20.48
C ILE G 115 15.53 -8.86 -20.95
N GLN G 116 14.51 -8.05 -21.24
CA GLN G 116 13.21 -8.60 -21.58
C GLN G 116 13.32 -9.59 -22.74
N ALA G 117 12.69 -10.75 -22.58
CA ALA G 117 12.89 -11.89 -23.48
C ALA G 117 12.53 -11.57 -24.93
N VAL G 118 11.74 -10.52 -25.18
CA VAL G 118 11.43 -10.13 -26.55
C VAL G 118 12.57 -9.41 -27.24
N LEU G 119 13.68 -9.16 -26.55
CA LEU G 119 14.81 -8.44 -27.10
C LEU G 119 15.89 -9.33 -27.68
N LEU G 120 16.01 -10.56 -27.19
CA LEU G 120 17.10 -11.43 -27.60
C LEU G 120 17.00 -11.74 -29.09
N PRO G 121 18.15 -11.94 -29.74
CA PRO G 121 18.13 -12.25 -31.18
C PRO G 121 17.66 -13.68 -31.44
N LYS G 122 17.11 -13.88 -32.64
CA LYS G 122 16.61 -15.18 -33.05
C LYS G 122 17.58 -15.88 -33.99
N VAL J 187 24.33 -21.41 10.87
CA VAL J 187 23.54 -22.46 11.50
C VAL J 187 22.11 -21.98 11.76
N ARG J 188 21.96 -20.73 12.20
CA ARG J 188 20.63 -20.15 12.40
C ARG J 188 20.04 -19.83 11.04
N ARG J 189 19.17 -20.71 10.55
CA ARG J 189 18.68 -20.61 9.18
C ARG J 189 17.20 -20.34 9.19
N SER J 190 16.76 -19.36 8.41
CA SER J 190 15.36 -19.02 8.32
C SER J 190 14.60 -20.07 7.53
N SER J 191 13.42 -20.43 8.01
CA SER J 191 12.54 -21.36 7.33
C SER J 191 11.27 -20.58 7.04
N ARG J 192 11.24 -19.89 5.90
CA ARG J 192 10.20 -18.91 5.66
C ARG J 192 9.14 -19.37 4.66
N LYS J 193 9.41 -20.40 3.85
CA LYS J 193 8.38 -21.04 3.03
C LYS J 193 7.69 -20.02 2.12
N SER J 194 8.48 -19.53 1.15
CA SER J 194 8.01 -18.55 0.18
C SER J 194 6.61 -18.86 -0.34
N LYS J 195 5.83 -17.82 -0.62
CA LYS J 195 4.41 -17.99 -0.97
C LYS J 195 4.20 -18.96 -2.13
N ALA J 196 5.12 -18.97 -3.10
CA ALA J 196 5.03 -19.96 -4.16
C ALA J 196 5.08 -21.38 -3.60
N GLU J 197 6.03 -21.63 -2.69
CA GLU J 197 6.11 -22.95 -2.07
C GLU J 197 4.89 -23.24 -1.20
N LEU J 198 4.38 -22.22 -0.51
CA LEU J 198 3.17 -22.41 0.28
C LEU J 198 2.01 -22.88 -0.58
N GLN J 199 1.76 -22.17 -1.68
CA GLN J 199 0.65 -22.55 -2.55
C GLN J 199 0.89 -23.90 -3.21
N SER J 200 2.12 -24.17 -3.60
CA SER J 200 2.44 -25.47 -4.21
C SER J 200 2.18 -26.60 -3.24
N GLU J 201 2.64 -26.47 -1.98
CA GLU J 201 2.46 -27.54 -1.02
C GLU J 201 1.01 -27.68 -0.62
N GLU J 202 0.26 -26.56 -0.54
CA GLU J 202 -1.17 -26.65 -0.29
C GLU J 202 -1.87 -27.39 -1.41
N ARG J 203 -1.52 -27.10 -2.66
CA ARG J 203 -2.15 -27.77 -3.79
C ARG J 203 -1.83 -29.25 -3.79
N LYS J 204 -0.56 -29.60 -3.56
CA LYS J 204 -0.20 -31.01 -3.48
C LYS J 204 -0.89 -31.70 -2.31
N ARG J 205 -1.10 -30.99 -1.22
CA ARG J 205 -1.84 -31.56 -0.09
C ARG J 205 -3.26 -31.87 -0.47
N ILE J 206 -3.96 -30.92 -1.11
CA ILE J 206 -5.33 -31.18 -1.55
C ILE J 206 -5.35 -32.35 -2.53
N ASP J 207 -4.39 -32.39 -3.46
CA ASP J 207 -4.36 -33.44 -4.46
C ASP J 207 -4.17 -34.81 -3.84
N GLU J 208 -3.20 -34.94 -2.91
CA GLU J 208 -2.96 -36.24 -2.31
C GLU J 208 -4.10 -36.65 -1.38
N LEU J 209 -4.70 -35.70 -0.65
CA LEU J 209 -5.83 -36.06 0.21
C LEU J 209 -7.03 -36.46 -0.63
N ILE J 210 -7.15 -35.91 -1.84
CA ILE J 210 -8.25 -36.29 -2.73
C ILE J 210 -8.00 -37.68 -3.31
N GLU J 211 -6.79 -37.93 -3.82
CA GLU J 211 -6.47 -39.19 -4.47
C GLU J 211 -6.24 -40.32 -3.48
N SER J 212 -6.17 -40.02 -2.18
CA SER J 212 -6.11 -41.07 -1.17
C SER J 212 -7.48 -41.38 -0.59
N GLY J 213 -8.37 -40.39 -0.47
CA GLY J 213 -9.72 -40.63 0.00
C GLY J 213 -9.81 -41.26 1.37
N LYS J 214 -9.07 -40.74 2.35
CA LYS J 214 -9.09 -41.31 3.69
C LYS J 214 -10.49 -41.25 4.30
N GLU J 215 -11.19 -40.14 4.09
CA GLU J 215 -12.53 -39.93 4.63
C GLU J 215 -12.53 -40.11 6.15
N GLU J 216 -11.63 -39.38 6.79
CA GLU J 216 -11.34 -39.57 8.21
C GLU J 216 -12.48 -39.01 9.05
N GLY J 217 -13.23 -39.90 9.71
CA GLY J 217 -14.21 -39.50 10.69
C GLY J 217 -15.47 -38.84 10.17
N MET J 218 -16.23 -39.55 9.34
CA MET J 218 -17.57 -39.13 8.93
C MET J 218 -18.45 -40.36 8.84
N LYS J 219 -19.47 -40.43 9.68
CA LYS J 219 -20.36 -41.57 9.76
C LYS J 219 -21.76 -41.19 9.29
N ILE J 220 -22.38 -42.08 8.53
CA ILE J 220 -23.73 -41.86 8.04
C ILE J 220 -24.73 -42.39 9.07
N ASP J 221 -25.70 -41.56 9.45
CA ASP J 221 -26.73 -41.96 10.41
C ASP J 221 -28.06 -41.39 9.95
N LEU J 222 -29.05 -41.43 10.85
CA LEU J 222 -30.41 -41.00 10.56
C LEU J 222 -30.67 -39.63 11.16
N ILE J 223 -31.43 -38.82 10.43
CA ILE J 223 -31.82 -37.49 10.88
C ILE J 223 -33.34 -37.42 10.92
N ASP J 224 -33.87 -36.64 11.86
CA ASP J 224 -35.30 -36.65 12.17
C ASP J 224 -36.10 -35.93 11.08
N GLY J 225 -36.26 -36.62 9.96
CA GLY J 225 -37.15 -36.14 8.91
C GLY J 225 -36.48 -35.89 7.57
N LYS J 226 -35.28 -35.32 7.60
CA LYS J 226 -34.58 -34.96 6.37
C LYS J 226 -34.05 -36.17 5.62
N GLY J 227 -33.98 -37.34 6.26
CA GLY J 227 -33.50 -38.54 5.61
C GLY J 227 -32.28 -39.12 6.28
N ARG J 228 -31.17 -39.17 5.53
CA ARG J 228 -29.90 -39.61 6.08
C ARG J 228 -29.05 -38.40 6.48
N GLY J 229 -27.92 -38.69 7.12
CA GLY J 229 -26.99 -37.64 7.51
C GLY J 229 -25.60 -38.16 7.76
N VAL J 230 -24.59 -37.39 7.36
CA VAL J 230 -23.19 -37.76 7.54
C VAL J 230 -22.61 -36.82 8.60
N ILE J 231 -22.38 -37.34 9.80
CA ILE J 231 -21.85 -36.54 10.89
C ILE J 231 -20.34 -36.47 10.78
N ALA J 232 -19.78 -35.27 10.92
CA ALA J 232 -18.33 -35.10 10.96
C ALA J 232 -17.83 -35.18 12.39
N THR J 233 -16.74 -35.91 12.59
CA THR J 233 -16.18 -36.16 13.92
C THR J 233 -14.72 -35.72 14.02
N LYS J 234 -14.41 -34.54 13.48
CA LYS J 234 -13.07 -33.96 13.61
C LYS J 234 -13.20 -32.47 13.89
N GLN J 235 -12.17 -31.92 14.51
CA GLN J 235 -12.13 -30.49 14.86
C GLN J 235 -11.89 -29.71 13.57
N PHE J 236 -12.96 -29.51 12.81
CA PHE J 236 -12.86 -28.78 11.56
C PHE J 236 -12.78 -27.28 11.84
N SER J 237 -12.16 -26.57 10.91
CA SER J 237 -11.90 -25.14 11.06
C SER J 237 -11.93 -24.51 9.67
N ARG J 238 -11.40 -23.29 9.61
CA ARG J 238 -11.44 -22.52 8.37
C ARG J 238 -10.68 -23.22 7.25
N GLY J 239 -11.42 -23.68 6.24
CA GLY J 239 -10.84 -24.16 5.01
C GLY J 239 -10.34 -25.59 5.02
N ASP J 240 -10.39 -26.27 6.16
CA ASP J 240 -9.89 -27.64 6.23
C ASP J 240 -10.72 -28.56 5.33
N PHE J 241 -10.06 -29.57 4.77
CA PHE J 241 -10.70 -30.47 3.84
C PHE J 241 -11.75 -31.32 4.56
N VAL J 242 -12.85 -31.59 3.85
CA VAL J 242 -13.92 -32.41 4.40
C VAL J 242 -14.16 -33.63 3.51
N VAL J 243 -14.61 -33.39 2.28
CA VAL J 243 -15.01 -34.45 1.36
C VAL J 243 -14.78 -33.97 -0.07
N GLU J 244 -14.99 -34.87 -1.02
CA GLU J 244 -15.03 -34.53 -2.44
C GLU J 244 -16.35 -35.01 -3.02
N TYR J 245 -17.02 -34.14 -3.76
CA TYR J 245 -18.28 -34.48 -4.43
C TYR J 245 -17.97 -35.26 -5.70
N HIS J 246 -17.53 -36.50 -5.51
CA HIS J 246 -17.09 -37.32 -6.63
C HIS J 246 -18.28 -37.69 -7.51
N GLY J 247 -18.03 -37.71 -8.81
CA GLY J 247 -19.06 -38.13 -9.76
C GLY J 247 -18.48 -38.23 -11.15
N ASP J 248 -19.38 -38.27 -12.13
CA ASP J 248 -18.99 -38.28 -13.53
C ASP J 248 -19.16 -36.88 -14.11
N LEU J 249 -18.09 -36.38 -14.74
CA LEU J 249 -18.07 -35.02 -15.27
C LEU J 249 -18.44 -35.04 -16.75
N ILE J 250 -19.32 -34.11 -17.14
CA ILE J 250 -19.85 -34.03 -18.49
C ILE J 250 -19.88 -32.57 -18.91
N GLU J 251 -20.32 -32.33 -20.15
CA GLU J 251 -20.40 -30.99 -20.72
C GLU J 251 -21.72 -30.36 -20.30
N ILE J 252 -22.07 -29.21 -20.89
CA ILE J 252 -23.31 -28.51 -20.57
C ILE J 252 -24.49 -29.02 -21.41
N THR J 253 -24.25 -29.34 -22.68
CA THR J 253 -25.34 -29.74 -23.58
C THR J 253 -26.08 -30.95 -23.05
N ASP J 254 -25.37 -31.89 -22.43
CA ASP J 254 -26.01 -33.00 -21.74
C ASP J 254 -26.27 -32.71 -20.28
N ALA J 255 -25.60 -31.71 -19.70
CA ALA J 255 -25.86 -31.34 -18.31
C ALA J 255 -27.28 -30.84 -18.14
N LYS J 256 -27.72 -29.94 -19.00
CA LYS J 256 -29.05 -29.35 -18.88
C LYS J 256 -30.15 -30.38 -19.10
N LYS J 257 -29.78 -31.59 -19.52
CA LYS J 257 -30.74 -32.64 -19.87
C LYS J 257 -30.75 -33.80 -18.88
N ARG J 258 -29.58 -34.20 -18.38
CA ARG J 258 -29.51 -35.41 -17.55
C ARG J 258 -30.26 -35.23 -16.23
N GLU J 259 -30.25 -34.03 -15.65
CA GLU J 259 -30.99 -33.81 -14.42
C GLU J 259 -32.48 -34.05 -14.62
N ALA J 260 -33.04 -33.50 -15.70
CA ALA J 260 -34.45 -33.72 -15.98
C ALA J 260 -34.72 -35.18 -16.33
N LEU J 261 -33.79 -35.84 -17.03
CA LEU J 261 -34.02 -37.22 -17.44
C LEU J 261 -33.96 -38.18 -16.27
N TYR J 262 -33.10 -37.93 -15.29
CA TYR J 262 -33.05 -38.77 -14.10
C TYR J 262 -34.10 -38.36 -13.07
N ALA J 263 -34.62 -37.13 -13.18
CA ALA J 263 -35.68 -36.71 -12.28
C ALA J 263 -36.99 -37.43 -12.54
N GLN J 264 -37.14 -38.05 -13.72
CA GLN J 264 -38.34 -38.83 -14.01
C GLN J 264 -38.48 -40.02 -13.06
N ASP J 265 -37.38 -40.45 -12.43
CA ASP J 265 -37.45 -41.41 -11.34
C ASP J 265 -37.66 -40.64 -10.04
N PRO J 266 -38.84 -40.70 -9.43
CA PRO J 266 -39.11 -39.85 -8.26
C PRO J 266 -38.37 -40.30 -7.00
N SER J 267 -37.55 -41.35 -7.12
CA SER J 267 -36.81 -41.87 -5.98
C SER J 267 -35.32 -41.79 -6.21
N THR J 268 -34.85 -40.65 -6.74
CA THR J 268 -33.44 -40.45 -7.02
C THR J 268 -32.77 -39.45 -6.11
N GLY J 269 -33.52 -38.79 -5.22
CA GLY J 269 -32.89 -37.84 -4.30
C GLY J 269 -32.36 -36.63 -5.04
N CYS J 270 -31.12 -36.26 -4.73
CA CYS J 270 -30.42 -35.16 -5.40
C CYS J 270 -28.94 -35.47 -5.37
N TYR J 271 -28.35 -35.77 -6.53
CA TYR J 271 -26.94 -36.16 -6.58
C TYR J 271 -26.11 -35.48 -7.64
N MET J 272 -26.70 -34.76 -8.59
CA MET J 272 -25.94 -34.17 -9.68
C MET J 272 -25.74 -32.68 -9.46
N TYR J 273 -24.50 -32.22 -9.70
CA TYR J 273 -24.06 -30.89 -9.32
C TYR J 273 -23.61 -30.13 -10.56
N TYR J 274 -24.05 -28.88 -10.69
CA TYR J 274 -23.65 -28.02 -11.79
C TYR J 274 -22.65 -26.97 -11.30
N PHE J 275 -21.74 -26.59 -12.19
CA PHE J 275 -20.91 -25.42 -11.95
C PHE J 275 -20.48 -24.82 -13.28
N GLN J 276 -20.54 -23.50 -13.36
CA GLN J 276 -20.05 -22.77 -14.53
C GLN J 276 -18.56 -22.49 -14.34
N TYR J 277 -17.77 -22.82 -15.34
CA TYR J 277 -16.32 -22.64 -15.24
C TYR J 277 -15.74 -22.52 -16.64
N LEU J 278 -15.01 -21.44 -16.88
CA LEU J 278 -14.38 -21.17 -18.17
C LEU J 278 -15.44 -21.15 -19.29
N SER J 279 -16.44 -20.31 -19.09
CA SER J 279 -17.58 -20.15 -19.97
C SER J 279 -18.29 -21.47 -20.28
N LYS J 280 -18.06 -22.50 -19.47
CA LYS J 280 -18.62 -23.82 -19.71
C LYS J 280 -19.21 -24.37 -18.42
N THR J 281 -20.40 -24.94 -18.52
CA THR J 281 -21.04 -25.61 -17.40
C THR J 281 -20.77 -27.12 -17.49
N TYR J 282 -20.67 -27.75 -16.33
CA TYR J 282 -20.50 -29.19 -16.26
C TYR J 282 -21.59 -29.78 -15.38
N CYS J 283 -21.52 -31.08 -15.11
CA CYS J 283 -22.49 -31.72 -14.24
C CYS J 283 -21.85 -32.94 -13.60
N VAL J 284 -21.91 -33.01 -12.28
CA VAL J 284 -21.26 -34.08 -11.51
C VAL J 284 -22.28 -35.20 -11.40
N ASP J 285 -22.26 -36.10 -12.37
CA ASP J 285 -23.14 -37.27 -12.34
C ASP J 285 -22.72 -38.18 -11.21
N ALA J 286 -23.45 -38.13 -10.09
CA ALA J 286 -23.09 -38.91 -8.91
C ALA J 286 -24.27 -39.67 -8.34
N THR J 287 -25.26 -40.02 -9.16
CA THR J 287 -26.40 -40.79 -8.66
C THR J 287 -26.00 -42.21 -8.29
N ARG J 288 -25.11 -42.83 -9.08
CA ARG J 288 -24.62 -44.15 -8.76
C ARG J 288 -23.74 -44.09 -7.51
N GLU J 289 -24.00 -44.99 -6.56
CA GLU J 289 -23.30 -44.94 -5.28
C GLU J 289 -21.84 -45.36 -5.46
N THR J 290 -20.95 -44.53 -4.93
CA THR J 290 -19.52 -44.78 -4.94
C THR J 290 -19.00 -44.63 -3.52
N ASN J 291 -17.79 -45.12 -3.27
CA ASN J 291 -17.22 -45.15 -1.92
C ASN J 291 -16.87 -43.76 -1.40
N ARG J 292 -17.24 -42.70 -2.11
CA ARG J 292 -17.04 -41.34 -1.65
C ARG J 292 -18.29 -40.87 -0.91
N LEU J 293 -18.14 -39.80 -0.12
CA LEU J 293 -19.22 -39.30 0.72
C LEU J 293 -19.71 -37.92 0.29
N GLY J 294 -19.45 -37.52 -0.95
CA GLY J 294 -19.90 -36.22 -1.42
C GLY J 294 -21.39 -36.21 -1.74
N ARG J 295 -21.83 -37.21 -2.50
CA ARG J 295 -23.23 -37.33 -2.87
C ARG J 295 -24.14 -37.62 -1.69
N LEU J 296 -23.59 -37.86 -0.50
CA LEU J 296 -24.38 -38.23 0.66
C LEU J 296 -24.80 -37.03 1.51
N ILE J 297 -24.85 -35.84 0.94
CA ILE J 297 -25.15 -34.63 1.70
C ILE J 297 -26.43 -34.00 1.14
N ASN J 298 -27.23 -33.43 2.03
CA ASN J 298 -28.48 -32.77 1.68
C ASN J 298 -28.32 -31.26 1.66
N HIS J 299 -29.43 -30.58 1.39
CA HIS J 299 -29.43 -29.14 1.11
C HIS J 299 -29.83 -28.34 2.35
N SER J 300 -29.26 -27.15 2.46
CA SER J 300 -29.59 -26.19 3.53
C SER J 300 -29.07 -24.83 3.11
N LYS J 301 -29.55 -23.80 3.80
CA LYS J 301 -28.96 -22.47 3.75
C LYS J 301 -28.39 -22.03 5.10
N CYS J 302 -28.50 -22.87 6.12
CA CYS J 302 -27.92 -22.60 7.43
C CYS J 302 -27.02 -23.75 7.85
N GLY J 303 -26.32 -24.33 6.88
CA GLY J 303 -25.48 -25.47 7.15
C GLY J 303 -24.14 -25.10 7.74
N ASN J 304 -23.12 -25.91 7.48
CA ASN J 304 -21.82 -25.71 8.09
C ASN J 304 -20.66 -25.77 7.11
N CYS J 305 -20.89 -26.14 5.85
CA CYS J 305 -19.85 -26.27 4.86
C CYS J 305 -20.29 -25.60 3.57
N GLN J 306 -19.32 -25.30 2.71
CA GLN J 306 -19.58 -24.74 1.39
C GLN J 306 -18.60 -25.33 0.41
N THR J 307 -19.04 -25.50 -0.84
CA THR J 307 -18.27 -26.18 -1.86
C THR J 307 -17.36 -25.23 -2.63
N LYS J 308 -16.15 -25.67 -2.92
CA LYS J 308 -15.18 -24.95 -3.73
C LYS J 308 -14.86 -25.77 -4.98
N LEU J 309 -13.93 -25.28 -5.78
CA LEU J 309 -13.49 -25.94 -6.99
C LEU J 309 -11.99 -26.19 -6.95
N HIS J 310 -11.59 -27.42 -7.24
CA HIS J 310 -10.19 -27.79 -7.35
C HIS J 310 -9.97 -28.55 -8.65
N ASP J 311 -9.01 -28.09 -9.44
CA ASP J 311 -8.73 -28.64 -10.76
C ASP J 311 -7.42 -29.42 -10.72
N ILE J 312 -7.51 -30.71 -10.42
CA ILE J 312 -6.33 -31.57 -10.41
C ILE J 312 -5.96 -31.89 -11.85
N ASP J 313 -4.98 -31.16 -12.39
CA ASP J 313 -4.52 -31.33 -13.77
C ASP J 313 -5.68 -31.11 -14.75
N GLY J 314 -6.20 -29.88 -14.74
CA GLY J 314 -7.23 -29.49 -15.68
C GLY J 314 -8.64 -29.83 -15.24
N VAL J 315 -8.90 -31.11 -15.00
CA VAL J 315 -10.24 -31.58 -14.64
C VAL J 315 -10.62 -31.03 -13.26
N PRO J 316 -11.70 -30.26 -13.16
CA PRO J 316 -12.06 -29.68 -11.86
C PRO J 316 -12.83 -30.64 -10.96
N HIS J 317 -12.19 -31.10 -9.89
CA HIS J 317 -12.88 -31.87 -8.86
C HIS J 317 -13.56 -30.92 -7.90
N LEU J 318 -14.83 -31.20 -7.58
CA LEU J 318 -15.60 -30.29 -6.75
C LEU J 318 -15.33 -30.60 -5.29
N ILE J 319 -14.52 -29.77 -4.64
CA ILE J 319 -14.17 -30.00 -3.24
C ILE J 319 -15.22 -29.38 -2.32
N LEU J 320 -15.20 -29.80 -1.07
CA LEU J 320 -15.98 -29.18 0.00
C LEU J 320 -15.07 -29.01 1.20
N ILE J 321 -14.95 -27.77 1.67
CA ILE J 321 -14.17 -27.47 2.86
C ILE J 321 -15.04 -26.72 3.86
N ALA J 322 -14.65 -26.81 5.12
CA ALA J 322 -15.39 -26.16 6.21
C ALA J 322 -15.02 -24.69 6.23
N SER J 323 -15.98 -23.82 5.90
CA SER J 323 -15.76 -22.38 5.89
C SER J 323 -15.75 -21.78 7.28
N ARG J 324 -15.98 -22.57 8.32
CA ARG J 324 -16.09 -22.07 9.68
C ARG J 324 -15.70 -23.19 10.63
N ASP J 325 -15.69 -22.87 11.92
CA ASP J 325 -15.23 -23.81 12.95
C ASP J 325 -16.33 -24.83 13.22
N ILE J 326 -16.04 -26.11 12.97
CA ILE J 326 -16.96 -27.21 13.22
C ILE J 326 -16.30 -28.17 14.19
N ALA J 327 -17.06 -28.60 15.20
CA ALA J 327 -16.58 -29.52 16.20
C ALA J 327 -16.85 -30.96 15.77
N ALA J 328 -16.32 -31.91 16.55
CA ALA J 328 -16.51 -33.33 16.28
C ALA J 328 -17.90 -33.78 16.70
N GLY J 329 -18.74 -34.11 15.73
CA GLY J 329 -20.06 -34.64 16.03
C GLY J 329 -21.19 -33.96 15.29
N GLU J 330 -20.85 -33.05 14.38
CA GLU J 330 -21.83 -32.31 13.60
C GLU J 330 -22.00 -32.94 12.23
N GLU J 331 -23.18 -32.74 11.66
CA GLU J 331 -23.55 -33.35 10.38
C GLU J 331 -23.04 -32.51 9.21
N LEU J 332 -22.60 -33.17 8.15
CA LEU J 332 -22.23 -32.47 6.93
C LEU J 332 -23.46 -31.83 6.31
N LEU J 333 -23.34 -30.56 5.93
CA LEU J 333 -24.48 -29.80 5.44
C LEU J 333 -23.97 -28.63 4.64
N TYR J 334 -24.22 -28.63 3.32
CA TYR J 334 -23.79 -27.51 2.50
C TYR J 334 -24.90 -27.06 1.56
N ASP J 335 -24.62 -26.05 0.74
CA ASP J 335 -25.63 -25.35 -0.04
C ASP J 335 -25.60 -25.81 -1.48
N TYR J 336 -26.79 -26.08 -2.04
CA TYR J 336 -26.92 -26.47 -3.44
C TYR J 336 -27.05 -25.27 -4.38
N GLY J 337 -27.30 -24.09 -3.85
CA GLY J 337 -27.23 -22.86 -4.63
C GLY J 337 -28.24 -22.69 -5.74
N ASP J 338 -29.08 -23.68 -6.02
CA ASP J 338 -30.04 -23.57 -7.10
C ASP J 338 -31.37 -23.01 -6.59
N ARG J 339 -31.88 -21.99 -7.27
CA ARG J 339 -33.10 -21.29 -6.89
C ARG J 339 -34.20 -21.46 -7.94
N SER J 340 -34.37 -22.68 -8.45
CA SER J 340 -35.51 -23.01 -9.31
C SER J 340 -36.78 -22.71 -8.55
N LYS J 341 -37.67 -21.91 -9.15
CA LYS J 341 -38.87 -21.47 -8.45
C LYS J 341 -39.81 -22.64 -8.16
N ALA J 342 -39.99 -23.55 -9.11
CA ALA J 342 -40.79 -24.75 -8.84
C ALA J 342 -40.13 -25.58 -7.75
N SER J 343 -38.80 -25.62 -7.72
CA SER J 343 -38.10 -26.38 -6.70
C SER J 343 -38.28 -25.77 -5.32
N ILE J 344 -38.27 -24.44 -5.22
CA ILE J 344 -38.42 -23.81 -3.90
C ILE J 344 -39.88 -23.89 -3.46
N GLU J 345 -40.82 -23.92 -4.40
CA GLU J 345 -42.21 -24.20 -4.05
C GLU J 345 -42.36 -25.62 -3.52
N ALA J 346 -41.69 -26.58 -4.16
CA ALA J 346 -41.85 -27.99 -3.76
C ALA J 346 -41.11 -28.31 -2.47
N HIS J 347 -39.96 -27.67 -2.24
CA HIS J 347 -39.10 -27.99 -1.09
C HIS J 347 -38.99 -26.76 -0.19
N PRO J 348 -39.91 -26.58 0.76
CA PRO J 348 -39.77 -25.49 1.74
C PRO J 348 -38.53 -25.63 2.60
N TRP J 349 -37.94 -26.83 2.69
CA TRP J 349 -36.71 -27.04 3.44
C TRP J 349 -35.48 -26.60 2.66
N LEU J 350 -35.64 -26.21 1.39
CA LEU J 350 -34.54 -25.58 0.66
C LEU J 350 -34.21 -24.21 1.24
N LYS J 351 -35.22 -23.43 1.63
CA LYS J 351 -35.02 -22.13 2.22
C LYS J 351 -34.41 -22.21 3.62
N HIS J 352 -34.45 -23.38 4.25
CA HIS J 352 -33.90 -23.55 5.59
C HIS J 352 -32.39 -23.70 5.52
N ARG K 37 30.89 10.35 19.96
CA ARG K 37 30.34 9.05 20.35
C ARG K 37 29.24 8.72 19.35
N LYS K 38 29.63 8.12 18.22
CA LYS K 38 28.72 7.90 17.11
C LYS K 38 28.00 6.56 17.27
N GLU K 39 26.68 6.59 17.20
CA GLU K 39 25.86 5.42 17.44
C GLU K 39 25.69 4.62 16.14
N SER K 40 25.76 3.29 16.28
CA SER K 40 25.69 2.40 15.13
C SER K 40 25.17 1.05 15.61
N TYR K 41 24.96 0.16 14.65
CA TYR K 41 24.63 -1.24 14.93
C TYR K 41 25.69 -2.17 14.38
N SER K 42 26.89 -1.64 14.11
CA SER K 42 27.90 -2.39 13.39
C SER K 42 28.27 -3.66 14.13
N ILE K 43 28.52 -3.56 15.43
CA ILE K 43 29.01 -4.74 16.14
C ILE K 43 27.93 -5.79 16.28
N TYR K 44 26.67 -5.36 16.38
CA TYR K 44 25.60 -6.33 16.50
C TYR K 44 25.30 -7.00 15.16
N VAL K 45 25.45 -6.27 14.07
CA VAL K 45 25.31 -6.91 12.77
C VAL K 45 26.47 -7.86 12.52
N TYR K 46 27.67 -7.50 12.98
CA TYR K 46 28.78 -8.44 12.97
C TYR K 46 28.45 -9.70 13.74
N LYS K 47 27.85 -9.56 14.92
CA LYS K 47 27.49 -10.74 15.70
C LYS K 47 26.49 -11.61 14.95
N VAL K 48 25.45 -11.00 14.38
CA VAL K 48 24.45 -11.79 13.68
C VAL K 48 25.05 -12.45 12.44
N LEU K 49 25.96 -11.75 11.77
CA LEU K 49 26.63 -12.35 10.63
C LEU K 49 27.43 -13.57 11.07
N LYS K 50 28.38 -13.38 11.98
CA LYS K 50 29.16 -14.50 12.49
C LYS K 50 28.29 -15.57 13.12
N GLN K 51 27.02 -15.30 13.35
CA GLN K 51 26.09 -16.33 13.79
C GLN K 51 25.41 -17.05 12.62
N VAL K 52 25.28 -16.40 11.47
CA VAL K 52 24.63 -17.01 10.31
C VAL K 52 25.66 -17.68 9.40
N HIS K 53 26.64 -16.91 8.93
CA HIS K 53 27.71 -17.41 8.08
C HIS K 53 29.02 -17.21 8.84
N PRO K 54 29.44 -18.18 9.64
CA PRO K 54 30.58 -17.97 10.53
C PRO K 54 31.91 -17.79 9.81
N ASP K 55 31.97 -17.97 8.51
CA ASP K 55 33.20 -17.81 7.74
C ASP K 55 32.98 -16.84 6.60
N THR K 56 32.35 -15.70 6.89
CA THR K 56 32.04 -14.69 5.89
C THR K 56 32.15 -13.32 6.53
N GLY K 57 32.86 -12.40 5.88
CA GLY K 57 32.98 -11.04 6.34
C GLY K 57 32.00 -10.12 5.64
N ILE K 58 32.09 -8.84 5.97
CA ILE K 58 31.20 -7.84 5.40
C ILE K 58 31.96 -6.55 5.25
N SER K 59 31.92 -5.96 4.05
CA SER K 59 32.68 -4.77 3.78
C SER K 59 32.11 -3.59 4.57
N SER K 60 32.81 -2.46 4.49
CA SER K 60 32.39 -1.31 5.27
C SER K 60 31.19 -0.62 4.65
N LYS K 61 31.10 -0.63 3.32
CA LYS K 61 29.92 -0.03 2.69
C LYS K 61 28.67 -0.87 2.93
N ALA K 62 28.80 -2.20 2.85
CA ALA K 62 27.68 -3.05 3.20
C ALA K 62 27.35 -2.96 4.68
N MET K 63 28.36 -2.70 5.51
CA MET K 63 28.09 -2.44 6.92
C MET K 63 27.25 -1.19 7.09
N GLY K 64 27.61 -0.11 6.38
CA GLY K 64 26.80 1.09 6.44
C GLY K 64 25.40 0.87 5.93
N ILE K 65 25.24 0.03 4.92
CA ILE K 65 23.92 -0.21 4.37
C ILE K 65 23.06 -1.00 5.34
N MET K 66 23.64 -2.02 5.99
CA MET K 66 22.87 -2.75 6.99
C MET K 66 22.54 -1.86 8.17
N ASN K 67 23.45 -0.95 8.52
CA ASN K 67 23.17 0.03 9.55
C ASN K 67 21.95 0.87 9.19
N SER K 68 21.92 1.39 7.96
CA SER K 68 20.80 2.20 7.52
C SER K 68 19.52 1.40 7.48
N PHE K 69 19.60 0.12 7.11
CA PHE K 69 18.41 -0.71 7.06
C PHE K 69 17.83 -0.91 8.44
N VAL K 70 18.69 -1.16 9.43
CA VAL K 70 18.21 -1.33 10.79
C VAL K 70 17.60 -0.04 11.31
N ASN K 71 18.25 1.10 11.06
CA ASN K 71 17.69 2.38 11.48
C ASN K 71 16.32 2.61 10.85
N ASP K 72 16.18 2.29 9.56
CA ASP K 72 14.94 2.57 8.86
C ASP K 72 13.81 1.67 9.34
N ILE K 73 14.07 0.38 9.51
CA ILE K 73 13.02 -0.49 10.00
C ILE K 73 12.64 -0.14 11.43
N PHE K 74 13.62 0.25 12.24
CA PHE K 74 13.29 0.70 13.59
C PHE K 74 12.38 1.92 13.55
N GLU K 75 12.73 2.91 12.72
CA GLU K 75 11.91 4.10 12.62
C GLU K 75 10.50 3.76 12.16
N ARG K 76 10.37 2.85 11.20
CA ARG K 76 9.04 2.46 10.72
C ARG K 76 8.22 1.82 11.82
N ILE K 77 8.78 0.80 12.47
CA ILE K 77 8.02 0.08 13.49
C ILE K 77 7.66 0.99 14.65
N ALA K 78 8.59 1.87 15.03
CA ALA K 78 8.30 2.77 16.14
C ALA K 78 7.24 3.79 15.77
N GLY K 79 7.30 4.35 14.56
CA GLY K 79 6.26 5.28 14.15
C GLY K 79 4.90 4.64 14.05
N GLU K 80 4.84 3.38 13.60
CA GLU K 80 3.55 2.72 13.50
C GLU K 80 3.01 2.37 14.87
N ALA K 81 3.88 1.95 15.79
CA ALA K 81 3.43 1.69 17.15
C ALA K 81 2.94 2.97 17.81
N SER K 82 3.60 4.09 17.55
CA SER K 82 3.14 5.37 18.05
C SER K 82 1.76 5.71 17.51
N ARG K 83 1.55 5.51 16.21
CA ARG K 83 0.24 5.77 15.63
C ARG K 83 -0.82 4.90 16.27
N LEU K 84 -0.51 3.63 16.53
CA LEU K 84 -1.51 2.76 17.15
C LEU K 84 -1.84 3.23 18.56
N ALA K 85 -0.82 3.55 19.35
CA ALA K 85 -1.06 4.04 20.70
C ALA K 85 -1.90 5.31 20.68
N HIS K 86 -1.66 6.20 19.72
CA HIS K 86 -2.47 7.40 19.64
C HIS K 86 -3.90 7.09 19.22
N TYR K 87 -4.07 6.14 18.30
CA TYR K 87 -5.41 5.78 17.85
C TYR K 87 -6.25 5.27 19.00
N ASN K 88 -5.68 4.37 19.81
CA ASN K 88 -6.44 3.76 20.89
C ASN K 88 -6.33 4.53 22.20
N LYS K 89 -5.98 5.81 22.14
CA LYS K 89 -5.91 6.69 23.31
C LYS K 89 -5.03 6.13 24.41
N ARG K 90 -4.12 5.23 24.10
CA ARG K 90 -3.20 4.74 25.11
C ARG K 90 -2.04 5.70 25.28
N SER K 91 -1.19 5.40 26.25
CA SER K 91 -0.01 6.20 26.52
C SER K 91 1.28 5.42 26.40
N THR K 92 1.26 4.12 26.64
CA THR K 92 2.44 3.29 26.60
C THR K 92 2.53 2.56 25.26
N ILE K 93 3.72 2.54 24.69
CA ILE K 93 4.04 1.56 23.66
C ILE K 93 4.41 0.25 24.36
N THR K 94 3.72 -0.82 24.01
CA THR K 94 3.96 -2.10 24.65
C THR K 94 4.28 -3.14 23.59
N SER K 95 4.42 -4.38 24.05
CA SER K 95 4.64 -5.47 23.10
C SER K 95 3.41 -5.67 22.23
N ARG K 96 2.23 -5.37 22.73
CA ARG K 96 1.03 -5.43 21.90
C ARG K 96 1.13 -4.47 20.73
N GLU K 97 1.49 -3.22 21.01
CA GLU K 97 1.63 -2.22 19.95
C GLU K 97 2.75 -2.60 19.00
N ILE K 98 3.87 -3.08 19.51
CA ILE K 98 4.98 -3.43 18.63
C ILE K 98 4.61 -4.61 17.75
N GLN K 99 3.87 -5.57 18.30
CA GLN K 99 3.46 -6.71 17.49
C GLN K 99 2.49 -6.29 16.40
N THR K 100 1.56 -5.41 16.71
CA THR K 100 0.64 -4.94 15.68
C THR K 100 1.38 -4.14 14.62
N ALA K 101 2.36 -3.33 15.01
CA ALA K 101 3.11 -2.58 14.02
C ALA K 101 3.92 -3.51 13.12
N VAL K 102 4.48 -4.58 13.69
CA VAL K 102 5.19 -5.55 12.88
C VAL K 102 4.23 -6.22 11.91
N ARG K 103 3.03 -6.57 12.37
CA ARG K 103 2.06 -7.22 11.50
C ARG K 103 1.58 -6.28 10.40
N LEU K 104 1.59 -4.98 10.65
CA LEU K 104 1.18 -4.04 9.61
C LEU K 104 2.29 -3.82 8.60
N LEU K 105 3.54 -3.72 9.05
CA LEU K 105 4.61 -3.33 8.14
C LEU K 105 5.22 -4.51 7.40
N LEU K 106 5.35 -5.67 8.03
CA LEU K 106 6.07 -6.65 7.24
C LEU K 106 5.09 -7.51 6.44
N PRO K 107 5.42 -7.86 5.20
CA PRO K 107 4.54 -8.74 4.42
C PRO K 107 4.49 -10.13 5.03
N GLY K 108 3.59 -10.95 4.50
CA GLY K 108 3.09 -12.13 5.17
C GLY K 108 4.05 -13.01 5.95
N GLU K 109 4.97 -13.68 5.28
CA GLU K 109 5.80 -14.66 5.99
C GLU K 109 6.82 -13.98 6.87
N LEU K 110 7.36 -12.85 6.41
CA LEU K 110 8.25 -12.06 7.27
C LEU K 110 7.54 -11.67 8.56
N ALA K 111 6.28 -11.26 8.46
CA ALA K 111 5.54 -10.85 9.64
C ALA K 111 5.29 -12.04 10.56
N LYS K 112 4.89 -13.17 10.01
CA LYS K 112 4.66 -14.34 10.83
C LYS K 112 5.91 -14.74 11.60
N HIS K 113 7.05 -14.80 10.89
CA HIS K 113 8.27 -15.26 11.54
C HIS K 113 8.81 -14.21 12.51
N ALA K 114 8.67 -12.93 12.18
CA ALA K 114 9.14 -11.90 13.09
C ALA K 114 8.30 -11.88 14.36
N VAL K 115 7.00 -12.06 14.23
CA VAL K 115 6.15 -12.14 15.42
C VAL K 115 6.51 -13.35 16.25
N SER K 116 6.82 -14.47 15.60
CA SER K 116 7.29 -15.64 16.34
C SER K 116 8.54 -15.31 17.13
N GLU K 117 9.54 -14.73 16.46
CA GLU K 117 10.80 -14.39 17.12
C GLU K 117 10.58 -13.46 18.31
N GLY K 118 9.77 -12.41 18.11
CA GLY K 118 9.57 -11.45 19.16
C GLY K 118 8.81 -12.02 20.35
N THR K 119 7.79 -12.83 20.09
CA THR K 119 7.06 -13.46 21.17
C THR K 119 7.96 -14.39 21.96
N LYS K 120 8.76 -15.19 21.26
CA LYS K 120 9.69 -16.07 21.94
C LYS K 120 10.65 -15.29 22.81
N ALA K 121 11.19 -14.18 22.27
CA ALA K 121 12.14 -13.39 23.04
C ALA K 121 11.49 -12.77 24.27
N VAL K 122 10.25 -12.30 24.13
CA VAL K 122 9.59 -11.66 25.27
C VAL K 122 9.27 -12.68 26.35
N THR K 123 8.80 -13.87 25.97
CA THR K 123 8.55 -14.89 26.97
C THR K 123 9.84 -15.29 27.68
N LYS K 124 10.92 -15.49 26.93
CA LYS K 124 12.19 -15.81 27.56
C LYS K 124 12.64 -14.69 28.50
N TYR K 125 12.44 -13.43 28.09
CA TYR K 125 12.89 -12.31 28.89
C TYR K 125 12.12 -12.19 30.19
N THR K 126 10.80 -12.35 30.14
CA THR K 126 10.03 -12.29 31.37
C THR K 126 10.20 -13.53 32.23
N SER K 127 10.56 -14.67 31.65
CA SER K 127 10.88 -15.83 32.47
C SER K 127 12.18 -15.61 33.22
N ALA K 128 13.20 -15.15 32.52
CA ALA K 128 14.49 -14.86 33.17
C ALA K 128 14.48 -13.49 33.84
#